data_5I5S
#
_entry.id   5I5S
#
_cell.length_a   68.852
_cell.length_b   105.985
_cell.length_c   107.270
_cell.angle_alpha   90.000
_cell.angle_beta   90.000
_cell.angle_gamma   90.000
#
_symmetry.space_group_name_H-M   'P 21 21 21'
#
loop_
_entity.id
_entity.type
_entity.pdbx_description
1 polymer 'Branched-chain-amino-acid aminotransferase, mitochondrial'
2 non-polymer "PYRIDOXAL-5'-PHOSPHATE"
3 non-polymer '2-(1,2-benzoxazol-3-yl)ethanoic acid'
4 non-polymer 'CHLORIDE ION'
5 non-polymer 1,2-ETHANEDIOL
6 non-polymer GLYCEROL
7 non-polymer 'DIMETHYL SULFOXIDE'
8 water water
#
_entity_poly.entity_id   1
_entity_poly.type   'polypeptide(L)'
_entity_poly.pdbx_seq_one_letter_code
;GSHMASSSFKAADLQLEMTQKPHKKPGPGEPLVFGKTFTDHMLMVEWNDKGWGQPRIQPFQNLTLHPASSSLHYSLQLFE
GMKAFKGKDQQVRLFRPWLNMDRMLRSAMRLCLPSFDKLELLECIRRLIEVDKDWVPDAAGTSLYVRPVLIGNEPSLGVS
QPTRALLFVILCPVGAYFPGGSVTPVSLLADPAFIRAWVGGVGNYKLGGNYGPTVLVQQEALKRGCEQVLWLYGPDHQLT
EVGTMNIFVYWTHEDGVLELVTPPLNGVILPGVVRQSLLDMAQTWGEFRVVERTITMKQLLRALEEGRVREVFGSGTACQ
VCPVHRILYKDRNLHIPTMENGPELILRFQKELKEIQYGIRAHEWMFPV
;
_entity_poly.pdbx_strand_id   A,B
#
# COMPACT_ATOMS: atom_id res chain seq x y z
N SER A 7 -12.20 -6.51 -23.10
CA SER A 7 -11.63 -7.44 -24.10
C SER A 7 -10.13 -7.56 -23.89
N SER A 8 -9.70 -8.74 -23.46
CA SER A 8 -8.31 -9.00 -23.10
C SER A 8 -7.34 -8.97 -24.25
N PHE A 9 -6.07 -8.85 -23.90
CA PHE A 9 -4.99 -9.13 -24.83
C PHE A 9 -5.04 -10.64 -25.13
N LYS A 10 -4.46 -11.01 -26.28
CA LYS A 10 -4.45 -12.40 -26.72
C LYS A 10 -3.03 -12.87 -26.92
N ALA A 11 -2.77 -14.10 -26.48
CA ALA A 11 -1.45 -14.69 -26.67
C ALA A 11 -1.15 -14.86 -28.16
N ALA A 12 -2.18 -14.98 -28.99
CA ALA A 12 -1.96 -15.11 -30.45
C ALA A 12 -1.27 -13.88 -31.06
N ASP A 13 -1.44 -12.72 -30.42
CA ASP A 13 -0.85 -11.46 -30.87
C ASP A 13 0.52 -11.17 -30.26
N LEU A 14 1.06 -12.11 -29.50
CA LEU A 14 2.37 -11.90 -28.90
C LEU A 14 3.40 -11.51 -29.92
N GLN A 15 4.14 -10.44 -29.62
CA GLN A 15 5.31 -10.06 -30.40
C GLN A 15 6.51 -10.41 -29.53
N LEU A 16 7.52 -11.02 -30.14
CA LEU A 16 8.72 -11.42 -29.44
C LEU A 16 9.86 -10.56 -29.90
N GLU A 17 10.55 -9.95 -28.95
CA GLU A 17 11.77 -9.23 -29.25
C GLU A 17 12.86 -9.91 -28.43
N MET A 18 13.71 -10.66 -29.11
CA MET A 18 14.81 -11.36 -28.45
C MET A 18 15.90 -10.39 -28.06
N THR A 19 16.60 -10.72 -26.99
CA THR A 19 17.61 -9.83 -26.46
C THR A 19 18.86 -9.89 -27.32
N GLN A 20 19.56 -8.78 -27.38
CA GLN A 20 20.85 -8.71 -28.05
C GLN A 20 21.99 -8.64 -27.04
N LYS A 21 21.65 -8.61 -25.74
CA LYS A 21 22.63 -8.56 -24.65
C LYS A 21 22.29 -9.60 -23.57
N PRO A 22 22.39 -10.88 -23.89
CA PRO A 22 22.00 -11.88 -22.91
C PRO A 22 22.88 -11.82 -21.65
N HIS A 23 22.27 -11.90 -20.46
CA HIS A 23 23.05 -11.86 -19.20
C HIS A 23 23.79 -13.20 -19.07
N LYS A 24 24.95 -13.15 -18.42
CA LYS A 24 25.68 -14.38 -18.10
C LYS A 24 24.84 -15.07 -17.03
N LYS A 25 24.62 -16.39 -17.17
CA LYS A 25 23.80 -17.10 -16.17
C LYS A 25 24.65 -17.39 -14.92
N PRO A 26 24.02 -17.77 -13.80
CA PRO A 26 24.80 -18.03 -12.58
C PRO A 26 25.60 -19.33 -12.66
N GLY A 27 26.79 -19.34 -12.06
CA GLY A 27 27.67 -20.52 -12.04
C GLY A 27 27.58 -21.29 -10.72
N GLU A 30 28.15 -20.77 -7.70
CA GLU A 30 27.65 -19.74 -6.79
C GLU A 30 26.17 -19.98 -6.47
N PRO A 31 25.72 -19.52 -5.28
CA PRO A 31 24.36 -19.78 -4.83
C PRO A 31 23.33 -18.77 -5.33
N LEU A 32 22.10 -19.23 -5.56
CA LEU A 32 21.01 -18.36 -5.98
C LEU A 32 20.44 -17.63 -4.75
N VAL A 33 20.40 -16.32 -4.80
CA VAL A 33 19.83 -15.52 -3.73
C VAL A 33 18.44 -15.13 -4.20
N PHE A 34 17.42 -15.47 -3.42
CA PHE A 34 16.03 -15.27 -3.87
C PHE A 34 15.70 -13.87 -4.37
N GLY A 35 15.20 -13.79 -5.60
CA GLY A 35 14.71 -12.55 -6.16
C GLY A 35 15.73 -11.49 -6.51
N LYS A 36 16.99 -11.88 -6.63
CA LYS A 36 18.05 -10.96 -7.02
C LYS A 36 18.57 -11.18 -8.43
N THR A 37 18.32 -12.35 -9.02
CA THR A 37 18.81 -12.66 -10.35
C THR A 37 17.64 -12.77 -11.29
N PHE A 38 17.71 -12.04 -12.41
CA PHE A 38 16.64 -12.00 -13.36
C PHE A 38 17.03 -12.57 -14.71
N THR A 39 16.05 -13.13 -15.40
CA THR A 39 16.27 -13.71 -16.73
C THR A 39 16.35 -12.66 -17.85
N ASP A 40 16.61 -13.12 -19.07
CA ASP A 40 16.86 -12.21 -20.19
C ASP A 40 15.64 -11.47 -20.68
N HIS A 41 14.45 -12.06 -20.54
CA HIS A 41 13.21 -11.43 -21.05
C HIS A 41 12.14 -11.17 -20.00
N MET A 42 11.14 -10.39 -20.41
CA MET A 42 9.99 -10.05 -19.60
C MET A 42 8.76 -9.97 -20.49
N LEU A 43 7.58 -10.16 -19.88
CA LEU A 43 6.34 -9.95 -20.56
C LEU A 43 5.96 -8.51 -20.26
N MET A 44 5.33 -7.87 -21.21
CA MET A 44 4.86 -6.50 -21.06
C MET A 44 3.61 -6.33 -21.89
N VAL A 45 2.54 -5.84 -21.25
CA VAL A 45 1.29 -5.55 -21.90
C VAL A 45 0.79 -4.22 -21.32
N GLU A 46 0.42 -3.27 -22.17
CA GLU A 46 -0.11 -1.99 -21.72
C GLU A 46 -1.58 -1.94 -21.98
N TRP A 47 -2.32 -1.26 -21.09
CA TRP A 47 -3.75 -1.04 -21.22
C TRP A 47 -4.03 0.45 -21.19
N ASN A 48 -4.99 0.90 -22.00
CA ASN A 48 -5.48 2.28 -21.92
C ASN A 48 -6.91 2.41 -22.44
N ASP A 49 -7.31 3.63 -22.80
CA ASP A 49 -8.66 3.89 -23.33
C ASP A 49 -9.02 2.98 -24.54
N LYS A 50 -8.01 2.61 -25.33
CA LYS A 50 -8.23 1.68 -26.45
C LYS A 50 -8.28 0.20 -26.03
N GLY A 51 -8.17 -0.08 -24.74
CA GLY A 51 -8.12 -1.45 -24.24
C GLY A 51 -6.69 -1.91 -24.17
N TRP A 52 -6.49 -3.22 -24.19
CA TRP A 52 -5.16 -3.78 -24.09
C TRP A 52 -4.40 -3.67 -25.41
N GLY A 53 -3.16 -3.25 -25.34
CA GLY A 53 -2.31 -3.27 -26.50
C GLY A 53 -1.90 -4.71 -26.76
N GLN A 54 -0.92 -4.86 -27.63
CA GLN A 54 -0.44 -6.18 -27.95
C GLN A 54 0.52 -6.62 -26.86
N PRO A 55 0.43 -7.90 -26.47
CA PRO A 55 1.41 -8.39 -25.52
C PRO A 55 2.78 -8.56 -26.18
N ARG A 56 3.84 -8.30 -25.43
CA ARG A 56 5.17 -8.57 -25.94
C ARG A 56 6.12 -9.20 -24.94
N ILE A 57 6.95 -10.09 -25.48
CA ILE A 57 8.07 -10.65 -24.74
C ILE A 57 9.23 -9.84 -25.24
N GLN A 58 9.93 -9.19 -24.33
CA GLN A 58 10.95 -8.26 -24.78
C GLN A 58 12.11 -8.36 -23.87
N PRO A 59 13.26 -7.83 -24.29
CA PRO A 59 14.39 -7.92 -23.42
C PRO A 59 14.08 -7.32 -22.05
N PHE A 60 14.67 -7.91 -21.01
CA PHE A 60 14.50 -7.39 -19.66
C PHE A 60 15.02 -5.96 -19.65
N GLN A 61 14.18 -5.02 -19.26
CA GLN A 61 14.56 -3.60 -19.29
C GLN A 61 13.76 -2.79 -18.27
N ASN A 62 14.26 -1.58 -18.03
CA ASN A 62 13.62 -0.66 -17.08
C ASN A 62 12.25 -0.20 -17.51
N LEU A 63 11.44 0.19 -16.54
CA LEU A 63 10.15 0.77 -16.83
C LEU A 63 10.33 2.29 -16.92
N THR A 64 9.53 2.91 -17.78
CA THR A 64 9.51 4.35 -17.96
C THR A 64 8.15 4.79 -17.46
N LEU A 65 8.14 5.49 -16.33
CA LEU A 65 6.89 5.94 -15.73
C LEU A 65 6.79 7.47 -15.58
N HIS A 66 5.62 7.98 -15.92
CA HIS A 66 5.30 9.37 -15.67
C HIS A 66 5.49 9.62 -14.16
N PRO A 67 5.98 10.81 -13.79
CA PRO A 67 6.25 11.05 -12.37
C PRO A 67 4.97 11.10 -11.54
N ALA A 68 3.84 11.35 -12.15
CA ALA A 68 2.57 11.29 -11.44
C ALA A 68 1.92 9.90 -11.43
N SER A 69 2.64 8.84 -11.85
CA SER A 69 2.02 7.51 -12.04
C SER A 69 1.27 7.09 -10.80
N SER A 70 -0.02 6.84 -10.93
CA SER A 70 -0.82 6.37 -9.78
C SER A 70 -0.25 5.10 -9.09
N SER A 71 0.65 4.39 -9.78
CA SER A 71 1.30 3.23 -9.17
C SER A 71 2.21 3.61 -8.02
N LEU A 72 2.70 4.86 -8.07
CA LEU A 72 3.69 5.37 -7.12
C LEU A 72 3.12 6.30 -6.06
N HIS A 73 1.96 6.88 -6.33
CA HIS A 73 1.33 7.82 -5.37
C HIS A 73 0.27 7.16 -4.54
N TYR A 74 -0.59 6.35 -5.16
CA TYR A 74 -1.69 5.69 -4.45
C TYR A 74 -1.65 4.16 -4.47
N SER A 75 -0.47 3.59 -4.69
CA SER A 75 -0.27 2.15 -4.57
C SER A 75 -1.24 1.36 -5.43
N LEU A 76 -1.46 1.79 -6.67
CA LEU A 76 -2.31 1.02 -7.58
C LEU A 76 -1.39 -0.04 -8.15
N GLN A 77 -1.18 -1.07 -7.35
CA GLN A 77 -0.25 -2.10 -7.68
C GLN A 77 -0.63 -3.39 -6.99
N LEU A 78 -0.44 -4.49 -7.71
CA LEU A 78 -0.65 -5.83 -7.21
C LEU A 78 0.39 -6.73 -7.86
N PHE A 79 0.64 -7.87 -7.24
CA PHE A 79 1.61 -8.81 -7.79
C PHE A 79 1.20 -10.25 -7.50
N GLU A 80 1.89 -11.15 -8.17
CA GLU A 80 1.75 -12.58 -7.97
C GLU A 80 3.11 -13.20 -7.80
N GLY A 81 3.11 -14.46 -7.44
CA GLY A 81 4.34 -15.21 -7.23
C GLY A 81 4.03 -16.68 -7.39
N MET A 82 4.70 -17.33 -8.33
CA MET A 82 4.48 -18.75 -8.59
C MET A 82 5.75 -19.35 -9.14
N LYS A 83 5.83 -20.68 -9.15
CA LYS A 83 7.06 -21.37 -9.52
C LYS A 83 6.90 -22.37 -10.66
N ALA A 84 7.91 -22.40 -11.54
CA ALA A 84 8.02 -23.41 -12.56
C ALA A 84 9.15 -24.29 -12.11
N PHE A 85 8.97 -25.59 -12.32
CA PHE A 85 9.94 -26.57 -11.90
C PHE A 85 10.35 -27.44 -13.09
N LYS A 86 11.63 -27.73 -13.16
CA LYS A 86 12.18 -28.57 -14.22
C LYS A 86 12.41 -29.97 -13.66
N GLY A 87 11.65 -30.96 -14.16
CA GLY A 87 11.79 -32.34 -13.69
C GLY A 87 12.98 -33.06 -14.30
N LYS A 88 13.17 -34.34 -13.93
CA LYS A 88 14.25 -35.17 -14.47
C LYS A 88 14.18 -35.21 -16.00
N ASP A 89 12.97 -35.41 -16.52
CA ASP A 89 12.77 -35.43 -17.97
C ASP A 89 13.07 -34.09 -18.66
N GLN A 90 13.51 -33.10 -17.88
CA GLN A 90 13.87 -31.77 -18.40
C GLN A 90 12.64 -30.94 -18.85
N GLN A 91 11.46 -31.46 -18.57
CA GLN A 91 10.21 -30.76 -18.82
C GLN A 91 10.02 -29.75 -17.67
N VAL A 92 9.63 -28.54 -18.02
CA VAL A 92 9.37 -27.46 -17.08
C VAL A 92 7.88 -27.40 -16.90
N ARG A 93 7.43 -27.28 -15.66
CA ARG A 93 6.00 -27.26 -15.31
C ARG A 93 5.69 -26.21 -14.24
N LEU A 94 4.60 -25.49 -14.42
CA LEU A 94 4.12 -24.52 -13.42
C LEU A 94 3.20 -25.23 -12.44
N PHE A 95 3.33 -24.90 -11.17
CA PHE A 95 2.48 -25.46 -10.11
C PHE A 95 1.18 -24.67 -9.99
N ARG A 96 0.06 -25.32 -10.27
CA ARG A 96 -1.28 -24.76 -10.11
C ARG A 96 -1.43 -23.29 -10.49
N PRO A 97 -0.92 -22.89 -11.68
CA PRO A 97 -0.89 -21.46 -12.05
C PRO A 97 -2.26 -20.83 -12.19
N TRP A 98 -3.27 -21.66 -12.48
CA TRP A 98 -4.63 -21.17 -12.63
C TRP A 98 -5.08 -20.44 -11.37
N LEU A 99 -4.73 -20.96 -10.20
CA LEU A 99 -5.13 -20.30 -8.94
C LEU A 99 -4.50 -18.90 -8.81
N ASN A 100 -3.25 -18.77 -9.22
CA ASN A 100 -2.55 -17.48 -9.21
C ASN A 100 -3.24 -16.48 -10.12
N MET A 101 -3.66 -16.96 -11.29
CA MET A 101 -4.34 -16.13 -12.26
C MET A 101 -5.67 -15.70 -11.66
N ASP A 102 -6.38 -16.65 -11.04
CA ASP A 102 -7.63 -16.33 -10.33
C ASP A 102 -7.39 -15.21 -9.30
N ARG A 103 -6.34 -15.37 -8.52
CA ARG A 103 -6.07 -14.46 -7.40
C ARG A 103 -5.65 -13.08 -7.90
N MET A 104 -4.87 -13.05 -8.98
CA MET A 104 -4.42 -11.83 -9.61
C MET A 104 -5.60 -11.02 -10.13
N LEU A 105 -6.55 -11.72 -10.74
CA LEU A 105 -7.74 -11.07 -11.26
C LEU A 105 -8.57 -10.47 -10.11
N ARG A 106 -8.64 -11.19 -8.99
CA ARG A 106 -9.35 -10.66 -7.82
C ARG A 106 -8.64 -9.39 -7.31
N SER A 107 -7.32 -9.44 -7.20
CA SER A 107 -6.54 -8.28 -6.80
C SER A 107 -6.85 -7.08 -7.71
N ALA A 108 -6.86 -7.33 -9.03
CA ALA A 108 -7.11 -6.30 -10.02
C ALA A 108 -8.48 -5.63 -9.82
N MET A 109 -9.51 -6.45 -9.66
CA MET A 109 -10.83 -5.94 -9.42
C MET A 109 -10.90 -5.10 -8.13
N ARG A 110 -10.20 -5.51 -7.07
CA ARG A 110 -10.19 -4.74 -5.80
C ARG A 110 -9.60 -3.34 -5.97
N LEU A 111 -8.63 -3.21 -6.86
CA LEU A 111 -7.95 -1.93 -7.16
C LEU A 111 -8.46 -1.22 -8.42
N CYS A 112 -9.61 -1.65 -8.95
CA CYS A 112 -10.21 -1.06 -10.16
C CYS A 112 -9.23 -1.01 -11.33
N LEU A 113 -8.40 -2.04 -11.41
CA LEU A 113 -7.46 -2.18 -12.50
C LEU A 113 -8.10 -3.03 -13.60
N PRO A 114 -7.58 -2.95 -14.83
CA PRO A 114 -8.29 -3.62 -15.91
C PRO A 114 -8.28 -5.14 -15.79
N SER A 115 -9.46 -5.72 -16.00
CA SER A 115 -9.62 -7.15 -16.15
C SER A 115 -8.83 -7.67 -17.37
N PHE A 116 -8.46 -8.94 -17.33
CA PHE A 116 -7.85 -9.61 -18.45
C PHE A 116 -8.34 -11.07 -18.45
N ASP A 117 -7.99 -11.80 -19.51
CA ASP A 117 -8.36 -13.20 -19.62
C ASP A 117 -7.27 -14.05 -19.01
N LYS A 118 -7.63 -14.78 -17.95
CA LYS A 118 -6.69 -15.56 -17.18
C LYS A 118 -5.91 -16.58 -18.01
N LEU A 119 -6.61 -17.24 -18.93
CA LEU A 119 -5.96 -18.22 -19.80
C LEU A 119 -5.06 -17.56 -20.86
N GLU A 120 -5.39 -16.34 -21.28
CA GLU A 120 -4.48 -15.62 -22.17
C GLU A 120 -3.20 -15.23 -21.46
N LEU A 121 -3.30 -14.69 -20.24
CA LEU A 121 -2.07 -14.35 -19.49
C LEU A 121 -1.23 -15.60 -19.22
N LEU A 122 -1.89 -16.69 -18.83
CA LEU A 122 -1.16 -17.94 -18.56
C LEU A 122 -0.35 -18.39 -19.78
N GLU A 123 -0.98 -18.33 -20.96
CA GLU A 123 -0.29 -18.72 -22.19
C GLU A 123 0.87 -17.80 -22.44
N CYS A 124 0.64 -16.49 -22.31
CA CYS A 124 1.73 -15.51 -22.50
C CYS A 124 2.86 -15.83 -21.55
N ILE A 125 2.51 -16.18 -20.31
CA ILE A 125 3.54 -16.53 -19.33
C ILE A 125 4.25 -17.81 -19.74
N ARG A 126 3.49 -18.77 -20.24
CA ARG A 126 4.11 -20.01 -20.70
C ARG A 126 5.11 -19.68 -21.81
N ARG A 127 4.68 -18.83 -22.75
CA ARG A 127 5.54 -18.41 -23.87
C ARG A 127 6.80 -17.73 -23.41
N LEU A 128 6.70 -16.95 -22.34
CA LEU A 128 7.85 -16.23 -21.82
C LEU A 128 8.86 -17.17 -21.15
N ILE A 129 8.34 -18.13 -20.40
CA ILE A 129 9.22 -19.07 -19.74
C ILE A 129 9.88 -19.94 -20.82
N GLU A 130 9.11 -20.27 -21.87
CA GLU A 130 9.66 -21.09 -22.97
C GLU A 130 10.84 -20.35 -23.56
N VAL A 131 10.70 -19.04 -23.78
CA VAL A 131 11.82 -18.24 -24.28
C VAL A 131 13.04 -18.33 -23.37
N ASP A 132 12.84 -18.18 -22.05
CA ASP A 132 13.96 -18.24 -21.10
C ASP A 132 14.10 -19.60 -20.45
N LYS A 133 13.66 -20.67 -21.11
CA LYS A 133 13.71 -22.03 -20.51
C LYS A 133 15.07 -22.41 -19.94
N ASP A 134 16.16 -21.96 -20.57
CA ASP A 134 17.52 -22.29 -20.10
C ASP A 134 17.90 -21.60 -18.79
N TRP A 135 17.07 -20.66 -18.35
CA TRP A 135 17.27 -20.06 -17.04
C TRP A 135 16.68 -20.93 -15.93
N VAL A 136 15.80 -21.86 -16.26
CA VAL A 136 15.18 -22.71 -15.23
C VAL A 136 16.21 -23.70 -14.71
N PRO A 137 16.59 -23.57 -13.43
CA PRO A 137 17.59 -24.47 -12.89
C PRO A 137 17.00 -25.85 -12.63
N ASP A 138 17.84 -26.86 -12.47
CA ASP A 138 17.29 -28.18 -12.22
C ASP A 138 17.96 -28.94 -11.09
N ALA A 139 18.81 -28.27 -10.32
CA ALA A 139 19.38 -28.87 -9.13
C ALA A 139 18.26 -29.08 -8.13
N ALA A 140 18.48 -29.97 -7.15
CA ALA A 140 17.46 -30.26 -6.14
C ALA A 140 17.06 -28.98 -5.42
N GLY A 141 15.76 -28.82 -5.22
CA GLY A 141 15.25 -27.68 -4.47
C GLY A 141 15.42 -26.33 -5.15
N THR A 142 15.59 -26.33 -6.47
CA THR A 142 15.66 -25.11 -7.25
C THR A 142 14.42 -25.00 -8.13
N SER A 143 14.15 -23.77 -8.60
CA SER A 143 12.98 -23.51 -9.41
C SER A 143 13.10 -22.17 -10.09
N LEU A 144 12.10 -21.85 -10.92
CA LEU A 144 12.01 -20.54 -11.53
C LEU A 144 10.84 -19.81 -10.89
N TYR A 145 11.15 -18.72 -10.20
CA TYR A 145 10.12 -17.86 -9.58
C TYR A 145 9.59 -16.87 -10.61
N VAL A 146 8.27 -16.88 -10.78
CA VAL A 146 7.58 -16.05 -11.75
C VAL A 146 6.82 -14.95 -10.98
N ARG A 147 7.11 -13.70 -11.34
CA ARG A 147 6.55 -12.50 -10.72
C ARG A 147 5.74 -11.64 -11.69
N PRO A 148 4.45 -11.92 -11.83
CA PRO A 148 3.58 -11.02 -12.56
C PRO A 148 3.25 -9.82 -11.70
N VAL A 149 3.11 -8.66 -12.33
CA VAL A 149 2.73 -7.42 -11.67
C VAL A 149 1.71 -6.70 -12.52
N LEU A 150 0.72 -6.07 -11.89
CA LEU A 150 -0.20 -5.18 -12.60
C LEU A 150 -0.23 -3.85 -11.82
N ILE A 151 -0.01 -2.75 -12.53
CA ILE A 151 0.01 -1.42 -11.93
C ILE A 151 -0.84 -0.40 -12.68
N GLY A 152 -1.41 0.54 -11.94
CA GLY A 152 -2.11 1.68 -12.53
C GLY A 152 -1.03 2.60 -13.01
N ASN A 153 -1.32 3.37 -14.06
CA ASN A 153 -0.29 4.24 -14.61
C ASN A 153 -0.88 5.53 -15.12
N GLU A 154 -1.86 6.04 -14.39
CA GLU A 154 -2.53 7.28 -14.74
C GLU A 154 -1.58 8.43 -14.46
N PRO A 155 -1.35 9.30 -15.44
CA PRO A 155 -0.45 10.40 -15.19
C PRO A 155 -1.19 11.61 -14.58
N SER A 156 -1.88 11.38 -13.46
CA SER A 156 -2.52 12.49 -12.76
C SER A 156 -2.69 12.17 -11.29
N LEU A 157 -2.76 13.20 -10.46
CA LEU A 157 -2.76 13.06 -9.00
C LEU A 157 -4.13 12.82 -8.38
N GLY A 158 -5.18 12.76 -9.19
CA GLY A 158 -6.50 12.43 -8.67
C GLY A 158 -6.52 10.99 -8.19
N VAL A 159 -7.13 10.72 -7.04
CA VAL A 159 -7.27 9.37 -6.53
C VAL A 159 -8.46 8.81 -7.29
N SER A 160 -8.19 8.08 -8.37
CA SER A 160 -9.28 7.64 -9.26
C SER A 160 -8.96 6.33 -10.00
N GLN A 161 -10.00 5.75 -10.60
CA GLN A 161 -9.84 4.55 -11.40
C GLN A 161 -8.94 4.86 -12.57
N PRO A 162 -7.82 4.15 -12.70
CA PRO A 162 -6.90 4.54 -13.77
C PRO A 162 -7.47 4.22 -15.13
N THR A 163 -7.02 4.99 -16.11
CA THR A 163 -7.38 4.81 -17.50
C THR A 163 -6.18 4.23 -18.27
N ARG A 164 -5.07 4.01 -17.57
CA ARG A 164 -3.88 3.40 -18.12
C ARG A 164 -3.31 2.45 -17.10
N ALA A 165 -2.83 1.30 -17.56
CA ALA A 165 -2.25 0.31 -16.66
C ALA A 165 -1.15 -0.42 -17.37
N LEU A 166 -0.33 -1.12 -16.61
CA LEU A 166 0.78 -1.86 -17.17
C LEU A 166 0.81 -3.23 -16.51
N LEU A 167 0.80 -4.28 -17.32
CA LEU A 167 0.95 -5.65 -16.85
C LEU A 167 2.32 -6.12 -17.29
N PHE A 168 3.13 -6.59 -16.34
CA PHE A 168 4.40 -7.20 -16.68
C PHE A 168 4.74 -8.41 -15.85
N VAL A 169 5.68 -9.19 -16.38
CA VAL A 169 6.13 -10.43 -15.72
C VAL A 169 7.61 -10.54 -15.88
N ILE A 170 8.27 -10.79 -14.76
CA ILE A 170 9.69 -11.03 -14.72
C ILE A 170 9.91 -12.35 -14.01
N LEU A 171 11.11 -12.91 -14.22
CA LEU A 171 11.45 -14.26 -13.79
C LEU A 171 12.78 -14.26 -13.06
N CYS A 172 12.88 -15.12 -12.05
CA CYS A 172 14.11 -15.28 -11.24
C CYS A 172 14.43 -16.74 -11.01
N PRO A 173 15.63 -17.20 -11.39
CA PRO A 173 15.98 -18.55 -10.95
C PRO A 173 16.21 -18.50 -9.45
N VAL A 174 15.74 -19.49 -8.71
CA VAL A 174 15.95 -19.49 -7.27
C VAL A 174 16.31 -20.87 -6.75
N GLY A 175 16.90 -20.87 -5.56
CA GLY A 175 17.13 -22.09 -4.79
C GLY A 175 16.15 -21.98 -3.67
N ALA A 176 16.66 -21.89 -2.44
CA ALA A 176 15.83 -21.73 -1.26
C ALA A 176 15.64 -20.25 -0.93
N TYR A 177 14.60 -19.97 -0.14
CA TYR A 177 14.35 -18.62 0.31
C TYR A 177 15.30 -18.30 1.48
N PHE A 178 15.31 -19.16 2.50
CA PHE A 178 16.23 -19.04 3.64
C PHE A 178 17.47 -19.90 3.37
N PRO A 179 18.68 -19.39 3.67
CA PRO A 179 19.84 -20.28 3.60
C PRO A 179 19.67 -21.48 4.54
N GLY A 180 20.00 -22.68 4.04
CA GLY A 180 19.78 -23.90 4.78
C GLY A 180 18.60 -24.64 4.17
N GLY A 181 17.59 -23.89 3.77
CA GLY A 181 16.39 -24.43 3.13
C GLY A 181 15.26 -24.62 4.11
N SER A 182 14.25 -25.38 3.70
CA SER A 182 13.08 -25.66 4.53
C SER A 182 13.38 -26.85 5.44
N VAL A 183 14.66 -27.02 5.76
CA VAL A 183 15.11 -28.04 6.68
C VAL A 183 15.26 -27.37 8.04
N THR A 184 15.86 -26.17 8.06
CA THR A 184 16.12 -25.46 9.31
C THR A 184 14.88 -24.68 9.76
N PRO A 185 14.45 -24.88 11.00
CA PRO A 185 13.25 -24.17 11.44
C PRO A 185 13.52 -22.69 11.70
N VAL A 186 12.46 -21.90 11.79
CA VAL A 186 12.62 -20.47 12.07
C VAL A 186 11.99 -20.04 13.38
N SER A 187 12.46 -18.90 13.90
CA SER A 187 11.93 -18.32 15.11
C SER A 187 11.03 -17.14 14.72
N LEU A 188 9.98 -16.92 15.50
CA LEU A 188 9.00 -15.87 15.20
C LEU A 188 8.79 -14.92 16.38
N LEU A 189 8.75 -13.63 16.06
CA LEU A 189 8.36 -12.62 17.02
C LEU A 189 6.83 -12.45 16.95
N ALA A 190 6.15 -12.70 18.06
CA ALA A 190 4.71 -12.53 18.14
C ALA A 190 4.39 -11.41 19.12
N ASP A 191 4.21 -10.19 18.61
CA ASP A 191 3.81 -9.06 19.44
C ASP A 191 2.53 -8.37 18.91
N PRO A 192 1.48 -8.30 19.74
CA PRO A 192 0.21 -7.73 19.29
C PRO A 192 0.18 -6.25 18.91
N ALA A 193 1.30 -5.53 19.05
CA ALA A 193 1.38 -4.11 18.70
C ALA A 193 1.31 -3.80 17.20
N PHE A 194 1.60 -4.85 16.43
N PHE A 194 1.72 -4.73 16.35
CA PHE A 194 1.73 -4.82 14.98
CA PHE A 194 1.67 -4.46 14.92
C PHE A 194 0.50 -5.48 14.36
C PHE A 194 0.62 -5.40 14.30
N ILE A 195 -0.16 -4.85 13.39
CA ILE A 195 -1.30 -5.50 12.71
C ILE A 195 -1.03 -5.49 11.20
N ARG A 196 -1.05 -6.66 10.58
CA ARG A 196 -0.80 -6.80 9.14
C ARG A 196 -2.02 -6.39 8.31
N ALA A 197 -3.21 -6.71 8.83
CA ALA A 197 -4.46 -6.51 8.11
C ALA A 197 -5.66 -6.59 9.07
N TRP A 198 -6.81 -6.18 8.57
CA TRP A 198 -8.00 -6.13 9.42
C TRP A 198 -9.24 -6.49 8.62
N VAL A 199 -10.25 -6.98 9.31
CA VAL A 199 -11.51 -7.31 8.65
C VAL A 199 -12.06 -6.05 8.02
N GLY A 200 -12.49 -6.13 6.76
CA GLY A 200 -12.93 -4.95 6.04
C GLY A 200 -11.76 -4.23 5.37
N GLY A 201 -10.56 -4.81 5.47
CA GLY A 201 -9.37 -4.25 4.84
C GLY A 201 -9.05 -5.00 3.54
N VAL A 202 -7.77 -5.08 3.18
CA VAL A 202 -7.37 -5.70 1.92
C VAL A 202 -6.23 -6.70 2.08
N GLY A 203 -6.04 -7.21 3.30
CA GLY A 203 -5.04 -8.24 3.61
C GLY A 203 -5.24 -9.56 2.87
N ASN A 204 -6.46 -9.78 2.37
CA ASN A 204 -6.76 -10.99 1.62
C ASN A 204 -6.54 -10.86 0.12
N TYR A 205 -5.87 -9.77 -0.31
CA TYR A 205 -5.51 -9.56 -1.71
C TYR A 205 -3.99 -9.36 -1.74
N LYS A 206 -3.36 -9.73 -2.83
CA LYS A 206 -1.91 -9.64 -2.89
C LYS A 206 -1.51 -8.27 -3.46
N LEU A 207 -1.72 -7.27 -2.63
CA LEU A 207 -1.49 -5.88 -3.01
C LEU A 207 -0.23 -5.36 -2.38
N GLY A 208 0.61 -4.70 -3.18
CA GLY A 208 1.88 -4.14 -2.66
C GLY A 208 1.71 -3.42 -1.31
N GLY A 209 0.61 -2.69 -1.17
CA GLY A 209 0.34 -1.90 0.04
C GLY A 209 0.35 -2.68 1.35
N ASN A 210 0.11 -3.99 1.26
CA ASN A 210 0.16 -4.86 2.43
C ASN A 210 1.58 -5.14 2.89
N TYR A 211 2.57 -5.00 2.02
CA TYR A 211 3.96 -5.45 2.36
C TYR A 211 4.88 -4.33 2.87
N GLY A 212 4.73 -3.13 2.35
CA GLY A 212 5.57 -1.98 2.75
C GLY A 212 5.65 -1.78 4.25
N PRO A 213 4.50 -1.76 4.90
CA PRO A 213 4.45 -1.56 6.36
C PRO A 213 5.04 -2.69 7.18
N THR A 214 5.28 -3.85 6.57
CA THR A 214 5.88 -4.94 7.34
C THR A 214 7.40 -4.79 7.51
N VAL A 215 8.03 -3.97 6.68
CA VAL A 215 9.51 -3.91 6.69
C VAL A 215 9.98 -3.49 8.09
N LEU A 216 9.37 -2.46 8.65
CA LEU A 216 9.77 -2.01 9.97
C LEU A 216 9.59 -3.10 11.01
N VAL A 217 8.47 -3.83 10.92
CA VAL A 217 8.18 -4.88 11.91
C VAL A 217 9.18 -6.04 11.82
N GLN A 218 9.57 -6.41 10.60
CA GLN A 218 10.58 -7.44 10.36
C GLN A 218 11.95 -7.00 10.92
N GLN A 219 12.24 -5.70 10.85
CA GLN A 219 13.44 -5.15 11.54
C GLN A 219 13.38 -5.37 13.05
N GLU A 220 12.21 -5.14 13.63
CA GLU A 220 12.00 -5.41 15.05
C GLU A 220 12.14 -6.89 15.39
N ALA A 221 11.69 -7.78 14.50
CA ALA A 221 11.86 -9.23 14.74
C ALA A 221 13.36 -9.57 14.85
N LEU A 222 14.12 -9.07 13.90
CA LEU A 222 15.57 -9.25 13.86
C LEU A 222 16.18 -8.64 15.13
N LYS A 223 15.94 -7.35 15.37
CA LYS A 223 16.37 -6.71 16.62
C LYS A 223 16.14 -7.59 17.85
N ARG A 224 14.99 -8.23 17.95
CA ARG A 224 14.70 -9.06 19.11
C ARG A 224 15.16 -10.52 18.94
N GLY A 225 16.01 -10.78 17.96
CA GLY A 225 16.58 -12.10 17.77
C GLY A 225 15.72 -13.16 17.10
N CYS A 226 14.62 -12.75 16.49
CA CYS A 226 13.73 -13.68 15.75
C CYS A 226 13.95 -13.49 14.26
N GLU A 227 13.44 -14.42 13.45
CA GLU A 227 13.66 -14.39 11.99
C GLU A 227 12.49 -13.92 11.14
N GLN A 228 11.28 -14.11 11.66
CA GLN A 228 10.07 -13.75 10.94
C GLN A 228 9.07 -13.24 11.95
N VAL A 229 8.03 -12.61 11.42
CA VAL A 229 6.97 -12.05 12.22
C VAL A 229 5.75 -12.97 12.25
N LEU A 230 5.25 -13.27 13.44
CA LEU A 230 3.99 -13.97 13.56
C LEU A 230 2.94 -12.86 13.76
N TRP A 231 2.14 -12.62 12.73
CA TRP A 231 1.14 -11.55 12.73
C TRP A 231 -0.08 -11.94 13.57
N LEU A 232 -0.34 -11.16 14.59
CA LEU A 232 -1.44 -11.43 15.50
C LEU A 232 -2.56 -10.46 15.24
N TYR A 233 -3.80 -10.91 15.47
CA TYR A 233 -4.98 -10.10 15.21
C TYR A 233 -6.04 -10.27 16.26
N GLY A 234 -6.69 -9.15 16.58
CA GLY A 234 -7.85 -9.17 17.46
C GLY A 234 -7.49 -9.16 18.94
N PRO A 235 -8.48 -8.85 19.80
CA PRO A 235 -8.31 -8.85 21.25
C PRO A 235 -7.71 -10.15 21.79
N ASP A 236 -8.12 -11.26 21.19
CA ASP A 236 -7.68 -12.60 21.57
C ASP A 236 -6.39 -13.11 20.86
N HIS A 237 -5.61 -12.20 20.30
CA HIS A 237 -4.31 -12.57 19.71
C HIS A 237 -4.35 -13.83 18.82
N GLN A 238 -5.20 -13.76 17.80
CA GLN A 238 -5.26 -14.81 16.81
C GLN A 238 -3.97 -14.84 15.97
N LEU A 239 -3.45 -16.03 15.74
CA LEU A 239 -2.29 -16.24 14.87
C LEU A 239 -2.81 -16.26 13.42
N THR A 240 -2.36 -15.32 12.59
CA THR A 240 -2.93 -15.24 11.24
C THR A 240 -2.00 -15.74 10.17
N GLU A 241 -0.80 -15.16 10.13
CA GLU A 241 0.21 -15.45 9.12
C GLU A 241 1.62 -15.36 9.70
N VAL A 242 2.57 -16.01 9.03
CA VAL A 242 3.98 -16.00 9.45
C VAL A 242 4.74 -15.33 8.34
N GLY A 243 5.20 -14.10 8.57
CA GLY A 243 5.88 -13.37 7.48
C GLY A 243 4.92 -13.19 6.32
N THR A 244 5.28 -13.71 5.14
CA THR A 244 4.42 -13.72 3.99
C THR A 244 3.89 -15.16 3.70
N MET A 245 3.74 -15.95 4.75
CA MET A 245 3.29 -17.33 4.66
C MET A 245 2.06 -17.54 5.54
N ASN A 246 1.23 -18.49 5.14
CA ASN A 246 0.09 -18.92 5.93
C ASN A 246 0.60 -19.81 7.03
N ILE A 247 -0.15 -19.90 8.12
CA ILE A 247 0.28 -20.64 9.28
C ILE A 247 -0.58 -21.87 9.50
N PHE A 248 0.08 -22.96 9.86
CA PHE A 248 -0.54 -24.27 10.13
C PHE A 248 -0.06 -24.80 11.46
N VAL A 249 -0.96 -25.38 12.21
CA VAL A 249 -0.64 -26.05 13.43
C VAL A 249 -1.19 -27.48 13.32
N TYR A 250 -0.32 -28.45 13.61
CA TYR A 250 -0.68 -29.85 13.68
C TYR A 250 -0.55 -30.20 15.16
N TRP A 251 -1.68 -30.55 15.77
CA TRP A 251 -1.73 -30.81 17.20
C TRP A 251 -2.87 -31.77 17.58
N THR A 252 -2.90 -32.13 18.85
CA THR A 252 -4.05 -32.82 19.40
C THR A 252 -4.91 -31.71 19.98
N HIS A 253 -6.10 -31.52 19.44
CA HIS A 253 -6.92 -30.41 19.89
C HIS A 253 -7.44 -30.66 21.30
N GLU A 254 -8.07 -29.63 21.90
CA GLU A 254 -8.64 -29.68 23.25
C GLU A 254 -9.65 -30.82 23.46
N ASP A 255 -10.41 -31.11 22.41
CA ASP A 255 -11.36 -32.22 22.40
C ASP A 255 -10.68 -33.59 22.19
N GLY A 256 -9.36 -33.65 22.33
CA GLY A 256 -8.60 -34.89 22.16
C GLY A 256 -8.44 -35.42 20.74
N VAL A 257 -8.82 -34.65 19.72
CA VAL A 257 -8.70 -35.13 18.34
C VAL A 257 -7.49 -34.54 17.62
N LEU A 258 -6.73 -35.41 16.98
CA LEU A 258 -5.54 -35.02 16.20
C LEU A 258 -5.99 -34.21 15.01
N GLU A 259 -5.48 -32.98 14.89
CA GLU A 259 -5.87 -32.17 13.76
C GLU A 259 -4.79 -31.25 13.21
N LEU A 260 -5.00 -30.91 11.94
CA LEU A 260 -4.28 -29.90 11.22
C LEU A 260 -5.27 -28.75 11.09
N VAL A 261 -4.89 -27.59 11.60
CA VAL A 261 -5.70 -26.41 11.55
C VAL A 261 -4.93 -25.24 10.93
N THR A 262 -5.64 -24.43 10.17
CA THR A 262 -5.10 -23.20 9.63
C THR A 262 -6.24 -22.16 9.73
N PRO A 263 -5.89 -20.88 9.95
CA PRO A 263 -6.90 -19.82 10.01
C PRO A 263 -7.80 -19.73 8.78
N PRO A 264 -9.09 -19.42 9.00
CA PRO A 264 -10.03 -19.37 7.91
C PRO A 264 -9.94 -18.08 7.11
N LEU A 265 -10.45 -18.15 5.88
CA LEU A 265 -10.42 -17.02 4.98
C LEU A 265 -11.54 -16.06 5.32
N ASN A 266 -11.39 -15.34 6.42
CA ASN A 266 -12.40 -14.38 6.86
C ASN A 266 -12.01 -12.93 6.60
N GLY A 267 -11.00 -12.71 5.75
CA GLY A 267 -10.61 -11.37 5.32
C GLY A 267 -9.21 -10.91 5.69
N VAL A 268 -8.61 -11.48 6.74
CA VAL A 268 -7.26 -11.12 7.16
C VAL A 268 -6.19 -12.11 6.71
N ILE A 269 -6.61 -13.15 5.99
CA ILE A 269 -5.72 -14.18 5.53
C ILE A 269 -5.62 -14.11 4.02
N LEU A 270 -4.38 -14.12 3.53
CA LEU A 270 -4.14 -14.19 2.10
C LEU A 270 -4.36 -15.63 1.72
N PRO A 271 -5.25 -15.91 0.73
CA PRO A 271 -5.49 -17.33 0.42
C PRO A 271 -4.36 -17.94 -0.40
N GLY A 272 -3.39 -18.50 0.29
CA GLY A 272 -2.22 -19.04 -0.39
C GLY A 272 -2.54 -20.27 -1.23
N VAL A 273 -1.87 -20.39 -2.37
CA VAL A 273 -2.00 -21.56 -3.22
C VAL A 273 -1.39 -22.79 -2.53
N VAL A 274 -0.28 -22.62 -1.83
CA VAL A 274 0.31 -23.75 -1.11
C VAL A 274 -0.63 -24.16 0.03
N ARG A 275 -1.14 -23.18 0.78
CA ARG A 275 -2.11 -23.40 1.84
C ARG A 275 -3.24 -24.28 1.34
N GLN A 276 -3.89 -23.86 0.26
CA GLN A 276 -4.99 -24.65 -0.28
C GLN A 276 -4.53 -26.07 -0.62
N SER A 277 -3.32 -26.17 -1.16
CA SER A 277 -2.75 -27.45 -1.56
C SER A 277 -2.50 -28.36 -0.38
N LEU A 278 -2.05 -27.79 0.74
CA LEU A 278 -1.80 -28.58 1.93
C LEU A 278 -3.13 -29.09 2.50
N LEU A 279 -4.15 -28.22 2.53
CA LEU A 279 -5.49 -28.64 2.95
C LEU A 279 -6.02 -29.76 2.07
N ASP A 280 -5.93 -29.58 0.75
CA ASP A 280 -6.36 -30.57 -0.24
C ASP A 280 -5.69 -31.93 -0.03
N MET A 281 -4.36 -31.96 0.07
CA MET A 281 -3.65 -33.20 0.30
C MET A 281 -4.09 -33.83 1.63
N ALA A 282 -4.07 -33.06 2.72
CA ALA A 282 -4.42 -33.61 4.01
C ALA A 282 -5.89 -34.10 4.05
N GLN A 283 -6.79 -33.38 3.39
CA GLN A 283 -8.19 -33.80 3.31
C GLN A 283 -8.29 -35.11 2.52
N THR A 284 -7.58 -35.18 1.41
CA THR A 284 -7.54 -36.41 0.63
C THR A 284 -7.05 -37.61 1.46
N TRP A 285 -5.95 -37.48 2.19
CA TRP A 285 -5.45 -38.61 2.98
C TRP A 285 -6.49 -39.15 3.97
N GLY A 286 -7.34 -38.29 4.51
CA GLY A 286 -8.37 -38.75 5.43
C GLY A 286 -7.84 -39.44 6.66
N GLU A 287 -6.67 -39.04 7.16
CA GLU A 287 -6.08 -39.71 8.31
C GLU A 287 -6.27 -38.97 9.62
N PHE A 288 -6.67 -37.71 9.53
CA PHE A 288 -6.83 -36.89 10.69
C PHE A 288 -7.71 -35.71 10.34
N ARG A 289 -8.25 -35.07 11.35
CA ARG A 289 -9.15 -33.94 11.14
C ARG A 289 -8.38 -32.77 10.53
N VAL A 290 -8.95 -32.16 9.49
CA VAL A 290 -8.37 -31.00 8.79
C VAL A 290 -9.40 -29.86 8.80
N VAL A 291 -9.07 -28.78 9.50
CA VAL A 291 -10.02 -27.70 9.68
C VAL A 291 -9.43 -26.30 9.40
N GLU A 292 -10.34 -25.39 9.07
CA GLU A 292 -10.05 -23.98 9.00
C GLU A 292 -10.76 -23.38 10.22
N ARG A 293 -9.97 -22.90 11.17
CA ARG A 293 -10.48 -22.28 12.38
C ARG A 293 -9.45 -21.31 12.93
N THR A 294 -9.92 -20.28 13.63
CA THR A 294 -9.00 -19.35 14.26
C THR A 294 -8.16 -20.08 15.30
N ILE A 295 -6.99 -19.55 15.56
CA ILE A 295 -6.03 -20.12 16.47
C ILE A 295 -5.56 -18.97 17.32
N THR A 296 -5.74 -19.07 18.63
CA THR A 296 -5.34 -18.00 19.54
C THR A 296 -4.06 -18.30 20.26
N MET A 297 -3.39 -17.25 20.73
CA MET A 297 -2.15 -17.42 21.50
C MET A 297 -2.42 -18.17 22.80
N LYS A 298 -3.60 -17.92 23.40
CA LYS A 298 -4.04 -18.67 24.58
C LYS A 298 -4.10 -20.17 24.28
N GLN A 299 -4.76 -20.56 23.19
CA GLN A 299 -4.84 -21.98 22.82
C GLN A 299 -3.45 -22.61 22.58
N LEU A 300 -2.54 -21.85 21.97
CA LEU A 300 -1.21 -22.39 21.68
C LEU A 300 -0.44 -22.61 22.98
N LEU A 301 -0.35 -21.56 23.79
CA LEU A 301 0.34 -21.62 25.08
C LEU A 301 -0.10 -22.84 25.87
N ARG A 302 -1.41 -23.05 25.96
CA ARG A 302 -1.93 -24.19 26.68
C ARG A 302 -1.55 -25.52 26.01
N ALA A 303 -1.74 -25.61 24.71
CA ALA A 303 -1.40 -26.83 23.98
C ALA A 303 0.07 -27.18 24.13
N LEU A 304 0.94 -26.18 24.10
CA LEU A 304 2.37 -26.41 24.31
C LEU A 304 2.62 -26.86 25.75
N GLU A 305 1.91 -26.24 26.70
CA GLU A 305 2.10 -26.59 28.10
C GLU A 305 1.66 -28.02 28.36
N GLU A 306 0.61 -28.46 27.65
CA GLU A 306 0.07 -29.81 27.77
C GLU A 306 0.69 -30.78 26.77
N GLY A 307 1.80 -30.38 26.17
CA GLY A 307 2.51 -31.21 25.19
C GLY A 307 1.67 -31.75 24.05
N ARG A 308 0.67 -30.98 23.60
CA ARG A 308 -0.24 -31.39 22.54
C ARG A 308 0.17 -30.92 21.12
N VAL A 309 1.11 -29.99 21.03
CA VAL A 309 1.58 -29.52 19.72
C VAL A 309 2.63 -30.47 19.08
N ARG A 310 2.42 -30.83 17.83
CA ARG A 310 3.38 -31.67 17.13
C ARG A 310 4.25 -30.80 16.26
N GLU A 311 3.64 -30.05 15.35
CA GLU A 311 4.36 -29.22 14.38
C GLU A 311 3.63 -27.93 14.08
N VAL A 312 4.40 -26.85 13.94
CA VAL A 312 3.87 -25.58 13.51
C VAL A 312 4.71 -25.19 12.30
N PHE A 313 4.06 -24.70 11.25
CA PHE A 313 4.79 -24.31 10.08
C PHE A 313 4.10 -23.28 9.20
N GLY A 314 4.91 -22.63 8.36
CA GLY A 314 4.41 -21.71 7.37
C GLY A 314 4.34 -22.38 6.03
N SER A 315 3.42 -21.92 5.19
CA SER A 315 3.35 -22.37 3.82
C SER A 315 3.37 -21.18 2.89
N GLY A 316 4.04 -21.29 1.77
CA GLY A 316 3.98 -20.25 0.75
C GLY A 316 4.91 -20.62 -0.37
N THR A 317 4.77 -19.97 -1.50
CA THR A 317 5.54 -20.34 -2.70
C THR A 317 7.05 -20.30 -2.47
N ALA A 318 7.54 -19.24 -1.85
CA ALA A 318 9.00 -19.08 -1.69
C ALA A 318 9.63 -20.14 -0.80
N CYS A 319 8.99 -20.46 0.33
N CYS A 319 9.01 -20.48 0.33
CA CYS A 319 9.52 -21.45 1.28
CA CYS A 319 9.59 -21.51 1.20
C CYS A 319 8.90 -22.83 1.14
C CYS A 319 8.91 -22.87 1.10
N GLN A 320 7.70 -22.90 0.56
CA GLN A 320 6.88 -24.14 0.46
C GLN A 320 6.34 -24.53 1.85
N VAL A 321 7.12 -25.23 2.67
CA VAL A 321 6.66 -25.64 4.00
C VAL A 321 7.80 -25.36 4.97
N CYS A 322 7.62 -24.34 5.80
CA CYS A 322 8.67 -23.81 6.65
C CYS A 322 8.44 -24.07 8.15
N PRO A 323 9.24 -24.97 8.74
CA PRO A 323 9.01 -25.32 10.15
C PRO A 323 9.31 -24.19 11.13
N VAL A 324 8.60 -24.18 12.25
CA VAL A 324 8.76 -23.17 13.29
C VAL A 324 9.22 -23.86 14.54
N HIS A 325 10.28 -23.36 15.16
CA HIS A 325 10.77 -23.96 16.39
C HIS A 325 10.66 -23.07 17.59
N ARG A 326 10.44 -21.78 17.37
CA ARG A 326 10.35 -20.84 18.49
C ARG A 326 9.45 -19.63 18.21
N ILE A 327 8.67 -19.26 19.22
CA ILE A 327 7.86 -18.07 19.19
C ILE A 327 8.12 -17.22 20.44
N LEU A 328 8.55 -15.99 20.23
CA LEU A 328 8.77 -15.04 21.31
C LEU A 328 7.52 -14.19 21.43
N TYR A 329 6.72 -14.48 22.45
CA TYR A 329 5.49 -13.77 22.71
C TYR A 329 5.76 -12.84 23.90
N LYS A 330 5.74 -11.54 23.65
CA LYS A 330 6.10 -10.56 24.68
C LYS A 330 7.53 -10.85 25.20
N ASP A 331 7.68 -11.45 26.38
CA ASP A 331 9.00 -11.85 26.88
C ASP A 331 9.10 -13.36 27.10
N ARG A 332 8.07 -14.10 26.74
CA ARG A 332 8.07 -15.54 26.95
C ARG A 332 8.58 -16.23 25.69
N ASN A 333 9.72 -16.93 25.79
CA ASN A 333 10.23 -17.74 24.67
C ASN A 333 9.52 -19.08 24.64
N LEU A 334 8.73 -19.33 23.61
CA LEU A 334 7.99 -20.57 23.55
C LEU A 334 8.70 -21.50 22.63
N HIS A 335 9.06 -22.67 23.14
CA HIS A 335 9.68 -23.65 22.29
C HIS A 335 8.58 -24.41 21.58
N ILE A 336 8.75 -24.57 20.27
CA ILE A 336 7.78 -25.32 19.47
C ILE A 336 8.50 -26.59 19.01
N PRO A 337 7.94 -27.77 19.35
CA PRO A 337 8.68 -29.00 19.16
C PRO A 337 8.58 -29.61 17.78
N THR A 338 8.37 -28.78 16.77
CA THR A 338 8.25 -29.23 15.38
C THR A 338 9.34 -30.24 15.01
N MET A 339 10.60 -29.89 15.21
CA MET A 339 11.70 -30.77 14.84
C MET A 339 11.78 -32.05 15.69
N GLU A 340 11.36 -32.02 16.95
CA GLU A 340 11.37 -33.26 17.75
C GLU A 340 10.26 -34.21 17.36
N ASN A 341 9.36 -33.78 16.47
CA ASN A 341 8.24 -34.60 16.01
C ASN A 341 8.38 -35.04 14.54
N GLY A 342 9.62 -35.08 14.08
CA GLY A 342 9.94 -35.57 12.73
C GLY A 342 10.78 -34.59 11.94
N PRO A 343 10.16 -33.52 11.39
CA PRO A 343 8.74 -33.15 11.46
C PRO A 343 7.94 -33.98 10.47
N GLU A 344 7.19 -34.95 11.00
CA GLU A 344 6.63 -35.98 10.15
C GLU A 344 5.66 -35.44 9.10
N LEU A 345 4.73 -34.59 9.49
CA LEU A 345 3.77 -34.02 8.52
C LEU A 345 4.47 -33.08 7.54
N ILE A 346 5.33 -32.21 8.04
CA ILE A 346 6.11 -31.37 7.12
C ILE A 346 6.87 -32.20 6.07
N LEU A 347 7.55 -33.25 6.50
CA LEU A 347 8.32 -34.07 5.57
C LEU A 347 7.40 -34.73 4.56
N ARG A 348 6.24 -35.20 5.02
CA ARG A 348 5.28 -35.83 4.14
C ARG A 348 4.74 -34.85 3.09
N PHE A 349 4.36 -33.66 3.52
CA PHE A 349 3.93 -32.65 2.57
C PHE A 349 5.06 -32.34 1.58
N GLN A 350 6.28 -32.14 2.07
CA GLN A 350 7.39 -31.77 1.16
C GLN A 350 7.64 -32.87 0.13
N LYS A 351 7.64 -34.12 0.58
CA LYS A 351 7.88 -35.23 -0.34
C LYS A 351 6.80 -35.30 -1.40
N GLU A 352 5.54 -35.19 -0.98
CA GLU A 352 4.46 -35.27 -1.95
C GLU A 352 4.51 -34.10 -2.95
N LEU A 353 4.77 -32.89 -2.47
CA LEU A 353 4.86 -31.72 -3.37
C LEU A 353 5.98 -31.88 -4.39
N LYS A 354 7.14 -32.37 -3.97
CA LYS A 354 8.27 -32.61 -4.88
C LYS A 354 7.87 -33.63 -5.95
N GLU A 355 7.27 -34.74 -5.53
CA GLU A 355 6.84 -35.74 -6.51
C GLU A 355 5.94 -35.13 -7.57
N ILE A 356 5.05 -34.24 -7.13
CA ILE A 356 4.11 -33.62 -8.04
C ILE A 356 4.84 -32.58 -8.90
N GLN A 357 5.60 -31.70 -8.24
CA GLN A 357 6.22 -30.58 -8.90
C GLN A 357 7.32 -30.97 -9.89
N TYR A 358 8.15 -31.94 -9.54
CA TYR A 358 9.21 -32.36 -10.45
C TYR A 358 8.77 -33.48 -11.39
N GLY A 359 7.46 -33.64 -11.57
CA GLY A 359 6.90 -34.59 -12.51
C GLY A 359 7.32 -36.03 -12.31
N ILE A 360 7.62 -36.37 -11.05
CA ILE A 360 7.92 -37.75 -10.66
C ILE A 360 6.60 -38.51 -10.66
N ARG A 361 5.50 -37.76 -10.60
CA ARG A 361 4.15 -38.29 -10.60
C ARG A 361 3.26 -37.33 -11.38
N ALA A 362 2.91 -37.67 -12.63
CA ALA A 362 2.00 -36.86 -13.47
C ALA A 362 0.73 -36.47 -12.70
N HIS A 363 0.26 -35.23 -12.90
CA HIS A 363 -0.77 -34.67 -12.04
C HIS A 363 -1.51 -33.48 -12.67
N GLU A 364 -2.80 -33.40 -12.40
CA GLU A 364 -3.65 -32.29 -12.85
C GLU A 364 -3.24 -30.92 -12.28
N TRP A 365 -2.37 -30.92 -11.26
CA TRP A 365 -1.88 -29.69 -10.61
C TRP A 365 -0.76 -29.03 -11.41
N MET A 366 -0.05 -29.81 -12.22
CA MET A 366 1.04 -29.26 -13.00
C MET A 366 0.60 -28.83 -14.40
N PHE A 367 1.15 -27.71 -14.86
CA PHE A 367 0.83 -27.12 -16.15
C PHE A 367 2.13 -27.13 -16.93
N PRO A 368 2.21 -27.95 -17.99
CA PRO A 368 3.48 -28.03 -18.68
C PRO A 368 3.82 -26.76 -19.47
N VAL A 369 5.09 -26.39 -19.46
CA VAL A 369 5.53 -25.29 -20.29
C VAL A 369 5.91 -25.86 -21.67
N SER B 7 23.78 10.97 6.28
CA SER B 7 23.76 12.45 6.09
C SER B 7 22.86 12.87 4.93
N SER B 8 22.06 13.89 5.19
CA SER B 8 21.11 14.44 4.22
C SER B 8 21.77 15.09 3.00
N PHE B 9 20.98 15.22 1.95
CA PHE B 9 21.36 16.02 0.82
C PHE B 9 21.31 17.49 1.27
N LYS B 10 21.92 18.34 0.44
CA LYS B 10 22.12 19.76 0.76
C LYS B 10 21.61 20.64 -0.35
N ALA B 11 20.82 21.66 0.00
CA ALA B 11 20.36 22.64 -0.98
C ALA B 11 21.54 23.36 -1.63
N ALA B 12 22.60 23.59 -0.85
CA ALA B 12 23.82 24.22 -1.35
C ALA B 12 24.40 23.44 -2.52
N ASP B 13 24.29 22.11 -2.47
CA ASP B 13 24.81 21.24 -3.52
C ASP B 13 23.88 21.12 -4.72
N LEU B 14 22.80 21.89 -4.77
CA LEU B 14 21.85 21.82 -5.89
C LEU B 14 22.47 21.96 -7.27
N GLN B 15 22.00 21.13 -8.20
CA GLN B 15 22.38 21.16 -9.60
C GLN B 15 21.16 21.60 -10.36
N LEU B 16 21.29 22.64 -11.18
CA LEU B 16 20.17 23.16 -11.93
C LEU B 16 20.34 22.87 -13.43
N GLU B 17 19.29 22.34 -14.04
CA GLU B 17 19.25 22.11 -15.48
C GLU B 17 17.93 22.66 -15.97
N MET B 18 17.98 23.82 -16.61
CA MET B 18 16.79 24.46 -17.15
C MET B 18 16.31 23.76 -18.42
N THR B 19 15.02 23.84 -18.68
CA THR B 19 14.47 23.16 -19.82
C THR B 19 14.89 23.87 -21.09
N GLN B 20 14.90 23.13 -22.20
CA GLN B 20 15.25 23.68 -23.51
C GLN B 20 13.96 24.20 -24.14
N LYS B 21 12.85 23.52 -23.90
CA LYS B 21 11.58 23.93 -24.47
C LYS B 21 10.53 24.05 -23.36
N PRO B 22 10.39 25.25 -22.75
CA PRO B 22 9.35 25.52 -21.78
C PRO B 22 7.96 25.20 -22.34
N HIS B 23 7.07 24.67 -21.49
CA HIS B 23 5.72 24.34 -21.92
C HIS B 23 4.81 25.54 -21.85
N LYS B 24 3.77 25.51 -22.65
CA LYS B 24 2.85 26.62 -22.76
C LYS B 24 1.94 26.63 -21.54
N LYS B 25 2.05 27.67 -20.72
CA LYS B 25 1.19 27.81 -19.52
C LYS B 25 -0.30 27.63 -19.87
N PRO B 26 -1.13 27.29 -18.87
CA PRO B 26 -2.57 27.11 -19.11
C PRO B 26 -3.32 28.43 -19.36
N GLY B 27 -4.56 28.31 -19.84
CA GLY B 27 -5.38 29.48 -20.17
C GLY B 27 -5.94 30.21 -18.96
N PRO B 31 -9.38 27.10 -16.70
CA PRO B 31 -10.06 25.92 -16.18
C PRO B 31 -9.09 24.74 -15.97
N LEU B 32 -8.31 24.82 -14.88
CA LEU B 32 -7.32 23.80 -14.55
C LEU B 32 -8.00 22.62 -13.86
N VAL B 33 -7.60 21.39 -14.22
CA VAL B 33 -8.12 20.20 -13.55
C VAL B 33 -7.06 19.75 -12.54
N PHE B 34 -7.45 19.70 -11.27
CA PHE B 34 -6.53 19.35 -10.18
C PHE B 34 -5.63 18.17 -10.54
N GLY B 35 -4.33 18.38 -10.43
CA GLY B 35 -3.33 17.35 -10.59
C GLY B 35 -3.08 16.74 -11.96
N LYS B 36 -3.48 17.43 -13.03
CA LYS B 36 -3.23 16.91 -14.41
C LYS B 36 -2.23 17.76 -15.20
N THR B 37 -2.02 18.99 -14.74
CA THR B 37 -1.17 19.94 -15.43
C THR B 37 0.08 20.10 -14.59
N PHE B 38 1.22 19.88 -15.21
CA PHE B 38 2.48 19.93 -14.50
C PHE B 38 3.39 21.01 -15.05
N THR B 39 4.27 21.50 -14.20
CA THR B 39 5.13 22.61 -14.55
C THR B 39 6.39 22.10 -15.23
N ASP B 40 7.20 23.04 -15.70
CA ASP B 40 8.42 22.71 -16.46
C ASP B 40 9.48 21.93 -15.71
N HIS B 41 9.57 22.10 -14.39
CA HIS B 41 10.67 21.48 -13.65
C HIS B 41 10.23 20.57 -12.50
N MET B 42 11.19 19.79 -11.99
CA MET B 42 10.92 18.86 -10.93
C MET B 42 12.19 18.75 -10.15
N LEU B 43 12.05 18.37 -8.89
CA LEU B 43 13.21 18.11 -8.08
C LEU B 43 13.41 16.61 -8.13
N MET B 44 14.66 16.17 -7.99
CA MET B 44 15.01 14.74 -7.94
C MET B 44 16.26 14.60 -7.13
N VAL B 45 16.22 13.69 -6.17
CA VAL B 45 17.39 13.33 -5.39
C VAL B 45 17.42 11.80 -5.26
N GLU B 46 18.60 11.21 -5.45
CA GLU B 46 18.78 9.78 -5.37
C GLU B 46 19.52 9.40 -4.13
N TRP B 47 19.18 8.23 -3.61
CA TRP B 47 19.81 7.69 -2.45
C TRP B 47 20.24 6.24 -2.73
N ASN B 48 21.40 5.87 -2.23
CA ASN B 48 21.90 4.51 -2.38
C ASN B 48 22.87 4.28 -1.24
N ASP B 49 23.67 3.21 -1.31
CA ASP B 49 24.59 2.88 -0.21
C ASP B 49 25.61 3.98 0.11
N LYS B 50 25.90 4.83 -0.88
CA LYS B 50 26.78 5.99 -0.69
C LYS B 50 26.03 7.22 -0.12
N GLY B 51 24.81 7.00 0.34
CA GLY B 51 23.97 8.06 0.91
C GLY B 51 23.25 8.83 -0.17
N TRP B 52 22.84 10.04 0.18
CA TRP B 52 22.11 10.87 -0.76
C TRP B 52 23.07 11.46 -1.77
N GLY B 53 22.69 11.42 -3.04
CA GLY B 53 23.41 12.15 -4.07
C GLY B 53 23.05 13.63 -3.96
N GLN B 54 23.44 14.39 -4.97
CA GLN B 54 23.12 15.81 -5.00
C GLN B 54 21.72 16.02 -5.54
N PRO B 55 20.97 16.92 -4.91
CA PRO B 55 19.65 17.21 -5.44
C PRO B 55 19.75 17.94 -6.77
N ARG B 56 18.76 17.77 -7.61
CA ARG B 56 18.76 18.48 -8.85
C ARG B 56 17.37 18.93 -9.27
N ILE B 57 17.33 20.10 -9.89
CA ILE B 57 16.16 20.60 -10.54
C ILE B 57 16.45 20.28 -11.99
N GLN B 58 15.51 19.62 -12.62
CA GLN B 58 15.70 19.17 -13.98
C GLN B 58 14.36 19.32 -14.64
N PRO B 59 14.34 19.29 -15.97
CA PRO B 59 13.06 19.37 -16.65
C PRO B 59 12.14 18.20 -16.26
N PHE B 60 10.85 18.47 -16.23
CA PHE B 60 9.87 17.46 -15.89
C PHE B 60 10.12 16.34 -16.89
N GLN B 61 10.33 15.14 -16.37
CA GLN B 61 10.62 14.01 -17.23
C GLN B 61 10.20 12.71 -16.51
N ASN B 62 10.14 11.63 -17.28
CA ASN B 62 9.69 10.34 -16.75
C ASN B 62 10.70 9.74 -15.80
N LEU B 63 10.22 8.83 -14.95
CA LEU B 63 11.10 8.07 -14.08
C LEU B 63 11.51 6.78 -14.81
N THR B 64 12.72 6.34 -14.54
CA THR B 64 13.24 5.12 -15.12
C THR B 64 13.48 4.19 -13.93
N LEU B 65 12.67 3.13 -13.83
CA LEU B 65 12.74 2.24 -12.68
C LEU B 65 13.00 0.79 -13.10
N HIS B 66 13.76 0.10 -12.25
CA HIS B 66 14.04 -1.31 -12.42
C HIS B 66 12.71 -2.08 -12.25
N PRO B 67 12.48 -3.15 -13.02
CA PRO B 67 11.14 -3.78 -12.97
C PRO B 67 10.81 -4.43 -11.62
N ALA B 68 11.83 -4.68 -10.83
CA ALA B 68 11.73 -5.22 -9.49
C ALA B 68 11.60 -4.10 -8.44
N SER B 69 11.47 -2.85 -8.87
CA SER B 69 11.50 -1.74 -7.94
C SER B 69 10.54 -1.97 -6.79
N SER B 70 11.08 -1.92 -5.60
CA SER B 70 10.32 -2.10 -4.39
C SER B 70 9.16 -1.09 -4.27
N SER B 71 9.25 0.04 -4.98
CA SER B 71 8.15 1.02 -5.04
C SER B 71 6.90 0.48 -5.65
N LEU B 72 7.06 -0.51 -6.55
CA LEU B 72 5.97 -1.05 -7.35
C LEU B 72 5.47 -2.42 -6.88
N HIS B 73 6.28 -3.13 -6.12
CA HIS B 73 5.94 -4.46 -5.65
C HIS B 73 5.41 -4.47 -4.23
N TYR B 74 6.04 -3.68 -3.35
CA TYR B 74 5.74 -3.66 -1.92
C TYR B 74 5.40 -2.27 -1.38
N SER B 75 4.97 -1.39 -2.28
CA SER B 75 4.46 -0.07 -1.88
C SER B 75 5.41 0.72 -0.96
N LEU B 76 6.70 0.69 -1.28
CA LEU B 76 7.67 1.51 -0.55
C LEU B 76 7.53 2.89 -1.18
N GLN B 77 6.47 3.54 -0.77
CA GLN B 77 6.10 4.83 -1.34
C GLN B 77 5.33 5.68 -0.34
N LEU B 78 5.65 6.95 -0.32
CA LEU B 78 4.94 7.92 0.51
C LEU B 78 4.89 9.24 -0.22
N PHE B 79 3.94 10.08 0.15
CA PHE B 79 3.81 11.38 -0.48
C PHE B 79 3.35 12.48 0.47
N GLU B 80 3.44 13.68 -0.03
CA GLU B 80 2.94 14.85 0.66
C GLU B 80 2.14 15.69 -0.31
N GLY B 81 1.47 16.68 0.23
CA GLY B 81 0.66 17.59 -0.54
C GLY B 81 0.57 18.87 0.24
N MET B 82 0.95 19.95 -0.40
CA MET B 82 0.88 21.27 0.21
C MET B 82 0.78 22.30 -0.90
N LYS B 83 0.42 23.52 -0.52
CA LYS B 83 0.14 24.55 -1.49
C LYS B 83 0.98 25.80 -1.31
N ALA B 84 1.35 26.39 -2.45
CA ALA B 84 1.99 27.69 -2.51
C ALA B 84 0.93 28.60 -3.12
N PHE B 85 0.86 29.82 -2.60
CA PHE B 85 -0.14 30.83 -3.02
C PHE B 85 0.60 32.10 -3.47
N LYS B 86 0.11 32.71 -4.54
CA LYS B 86 0.68 33.94 -5.06
C LYS B 86 -0.23 35.11 -4.63
N GLY B 87 0.31 36.01 -3.80
CA GLY B 87 -0.44 37.19 -3.34
C GLY B 87 -0.52 38.25 -4.41
N LYS B 88 -1.25 39.35 -4.14
CA LYS B 88 -1.34 40.47 -5.08
C LYS B 88 0.05 40.98 -5.44
N ASP B 89 0.87 41.19 -4.40
CA ASP B 89 2.25 41.63 -4.56
C ASP B 89 3.13 40.65 -5.36
N GLN B 90 2.49 39.66 -5.99
CA GLN B 90 3.16 38.66 -6.84
C GLN B 90 4.13 37.77 -6.02
N GLN B 91 4.18 37.98 -4.71
CA GLN B 91 5.00 37.19 -3.81
C GLN B 91 4.32 35.82 -3.62
N VAL B 92 5.11 34.76 -3.67
CA VAL B 92 4.58 33.39 -3.51
C VAL B 92 4.94 32.89 -2.13
N ARG B 93 3.95 32.29 -1.45
CA ARG B 93 4.16 31.78 -0.12
C ARG B 93 3.64 30.35 0.06
N LEU B 94 4.41 29.53 0.77
CA LEU B 94 3.96 28.18 1.14
C LEU B 94 3.26 28.21 2.50
N PHE B 95 2.14 27.53 2.61
CA PHE B 95 1.42 27.44 3.87
C PHE B 95 1.93 26.30 4.75
N ARG B 96 2.42 26.68 5.94
CA ARG B 96 2.91 25.77 6.98
C ARG B 96 3.73 24.58 6.48
N PRO B 97 4.64 24.82 5.52
CA PRO B 97 5.38 23.70 4.92
C PRO B 97 6.16 22.86 5.90
N TRP B 98 6.56 23.44 7.04
CA TRP B 98 7.33 22.74 8.05
C TRP B 98 6.58 21.50 8.51
N LEU B 99 5.27 21.62 8.67
CA LEU B 99 4.46 20.51 9.13
C LEU B 99 4.40 19.39 8.12
N ASN B 100 4.43 19.73 6.83
CA ASN B 100 4.50 18.72 5.78
C ASN B 100 5.85 18.01 5.79
N MET B 101 6.92 18.77 6.00
CA MET B 101 8.24 18.15 6.09
C MET B 101 8.26 17.18 7.27
N ASP B 102 7.75 17.62 8.42
CA ASP B 102 7.66 16.78 9.62
C ASP B 102 6.95 15.45 9.34
N ARG B 103 5.79 15.56 8.71
CA ARG B 103 4.97 14.39 8.43
C ARG B 103 5.65 13.47 7.40
N MET B 104 6.26 14.07 6.40
CA MET B 104 6.99 13.29 5.39
C MET B 104 8.10 12.46 6.01
N LEU B 105 8.81 13.03 6.98
CA LEU B 105 9.88 12.29 7.64
C LEU B 105 9.30 11.19 8.48
N ARG B 106 8.21 11.43 9.23
CA ARG B 106 7.59 10.32 9.98
C ARG B 106 7.18 9.18 9.00
N SER B 107 6.60 9.54 7.84
CA SER B 107 6.19 8.54 6.84
C SER B 107 7.43 7.71 6.38
N ALA B 108 8.51 8.41 6.09
CA ALA B 108 9.77 7.77 5.70
C ALA B 108 10.22 6.74 6.69
N MET B 109 10.24 7.14 7.96
CA MET B 109 10.74 6.26 9.01
C MET B 109 9.85 5.03 9.12
N ARG B 110 8.55 5.22 9.01
CA ARG B 110 7.64 4.08 9.10
C ARG B 110 7.90 3.01 8.03
N LEU B 111 8.30 3.45 6.86
CA LEU B 111 8.60 2.54 5.74
C LEU B 111 10.10 2.26 5.61
N CYS B 112 10.86 2.49 6.67
CA CYS B 112 12.33 2.28 6.60
C CYS B 112 12.96 2.91 5.36
N LEU B 113 12.45 4.07 4.95
CA LEU B 113 13.05 4.81 3.84
C LEU B 113 14.05 5.80 4.42
N PRO B 114 14.99 6.30 3.58
CA PRO B 114 16.05 7.13 4.11
C PRO B 114 15.60 8.46 4.67
N SER B 115 16.11 8.78 5.85
CA SER B 115 15.92 10.08 6.49
C SER B 115 16.59 11.19 5.67
N PHE B 116 16.10 12.40 5.85
CA PHE B 116 16.64 13.58 5.17
C PHE B 116 16.47 14.78 6.09
N ASP B 117 17.12 15.87 5.74
CA ASP B 117 16.99 17.07 6.54
C ASP B 117 15.80 17.85 6.03
N LYS B 118 14.88 18.14 6.94
CA LYS B 118 13.61 18.80 6.59
C LYS B 118 13.80 20.22 6.03
N LEU B 119 14.74 20.98 6.56
CA LEU B 119 15.00 22.35 6.07
C LEU B 119 15.74 22.32 4.73
N GLU B 120 16.56 21.30 4.51
CA GLU B 120 17.21 21.13 3.21
C GLU B 120 16.18 20.85 2.13
N LEU B 121 15.29 19.89 2.39
CA LEU B 121 14.24 19.59 1.42
C LEU B 121 13.36 20.79 1.13
N LEU B 122 13.04 21.56 2.17
CA LEU B 122 12.17 22.72 2.00
C LEU B 122 12.86 23.77 1.12
N GLU B 123 14.16 23.99 1.38
CA GLU B 123 14.92 24.95 0.60
C GLU B 123 14.98 24.45 -0.83
N CYS B 124 15.17 23.14 -1.04
CA CYS B 124 15.16 22.59 -2.40
C CYS B 124 13.82 22.84 -3.06
N ILE B 125 12.74 22.65 -2.30
CA ILE B 125 11.38 22.88 -2.81
C ILE B 125 11.15 24.38 -3.12
N ARG B 126 11.59 25.25 -2.20
CA ARG B 126 11.54 26.70 -2.45
C ARG B 126 12.26 27.05 -3.76
N ARG B 127 13.48 26.54 -3.92
CA ARG B 127 14.27 26.77 -5.13
C ARG B 127 13.55 26.30 -6.37
N LEU B 128 12.93 25.13 -6.28
CA LEU B 128 12.13 24.60 -7.40
C LEU B 128 10.93 25.48 -7.72
N ILE B 129 10.21 25.91 -6.68
CA ILE B 129 9.06 26.78 -6.92
C ILE B 129 9.54 28.12 -7.50
N GLU B 130 10.70 28.60 -7.04
CA GLU B 130 11.29 29.84 -7.57
C GLU B 130 11.52 29.71 -9.07
N VAL B 131 12.25 28.67 -9.47
CA VAL B 131 12.47 28.35 -10.90
C VAL B 131 11.14 28.31 -11.67
N ASP B 132 10.08 27.75 -11.09
CA ASP B 132 8.78 27.69 -11.79
C ASP B 132 7.76 28.72 -11.31
N LYS B 133 8.22 29.84 -10.73
CA LYS B 133 7.35 30.91 -10.17
C LYS B 133 6.16 31.27 -11.03
N ASP B 134 6.43 31.49 -12.32
CA ASP B 134 5.42 31.96 -13.26
C ASP B 134 4.29 30.97 -13.50
N TRP B 135 4.49 29.70 -13.13
CA TRP B 135 3.38 28.71 -13.21
C TRP B 135 2.38 28.91 -12.06
N VAL B 136 2.81 29.59 -11.00
CA VAL B 136 1.94 29.78 -9.84
C VAL B 136 0.84 30.73 -10.24
N PRO B 137 -0.39 30.24 -10.29
CA PRO B 137 -1.45 31.15 -10.70
C PRO B 137 -1.76 32.17 -9.59
N ASP B 138 -2.41 33.26 -9.94
CA ASP B 138 -2.77 34.29 -8.95
C ASP B 138 -4.25 34.63 -8.94
N ALA B 139 -5.03 33.96 -9.78
CA ALA B 139 -6.46 34.23 -9.84
C ALA B 139 -7.07 33.76 -8.54
N ALA B 140 -8.20 34.37 -8.16
CA ALA B 140 -8.89 34.03 -6.94
C ALA B 140 -9.07 32.52 -6.80
N GLY B 141 -8.80 32.00 -5.61
CA GLY B 141 -8.97 30.58 -5.33
C GLY B 141 -7.99 29.62 -5.99
N THR B 142 -6.94 30.15 -6.62
CA THR B 142 -5.94 29.30 -7.24
C THR B 142 -4.65 29.24 -6.44
N SER B 143 -3.88 28.22 -6.75
CA SER B 143 -2.64 27.95 -6.07
C SER B 143 -1.80 27.00 -6.87
N LEU B 144 -0.60 26.77 -6.36
CA LEU B 144 0.27 25.77 -6.89
C LEU B 144 0.24 24.61 -5.91
N TYR B 145 -0.09 23.42 -6.39
CA TYR B 145 -0.03 22.21 -5.56
C TYR B 145 1.37 21.61 -5.67
N VAL B 146 1.94 21.30 -4.52
CA VAL B 146 3.26 20.76 -4.44
C VAL B 146 3.14 19.32 -3.95
N ARG B 147 3.68 18.41 -4.77
CA ARG B 147 3.64 16.95 -4.51
C ARG B 147 5.04 16.39 -4.40
N PRO B 148 5.56 16.33 -3.17
CA PRO B 148 6.77 15.59 -2.89
C PRO B 148 6.43 14.09 -2.79
N VAL B 149 7.39 13.26 -3.16
CA VAL B 149 7.27 11.81 -3.13
C VAL B 149 8.60 11.20 -2.76
N LEU B 150 8.57 10.15 -1.95
CA LEU B 150 9.75 9.38 -1.64
C LEU B 150 9.39 7.93 -1.89
N ILE B 151 10.18 7.26 -2.73
CA ILE B 151 9.94 5.84 -3.07
C ILE B 151 11.19 4.96 -2.93
N GLY B 152 10.97 3.72 -2.47
CA GLY B 152 12.02 2.72 -2.46
C GLY B 152 12.34 2.34 -3.90
N ASN B 153 13.49 1.76 -4.12
CA ASN B 153 13.87 1.42 -5.49
C ASN B 153 14.86 0.27 -5.56
N GLU B 154 14.56 -0.74 -4.76
CA GLU B 154 15.35 -1.95 -4.65
C GLU B 154 15.23 -2.75 -5.93
N PRO B 155 16.36 -3.19 -6.50
CA PRO B 155 16.26 -4.00 -7.70
C PRO B 155 16.20 -5.51 -7.36
N SER B 156 15.40 -5.89 -6.37
CA SER B 156 15.32 -7.28 -5.97
C SER B 156 13.97 -7.53 -5.29
N LEU B 157 13.49 -8.78 -5.33
CA LEU B 157 12.17 -9.10 -4.87
C LEU B 157 12.04 -9.40 -3.35
N GLY B 158 13.16 -9.41 -2.64
CA GLY B 158 13.11 -9.57 -1.19
C GLY B 158 12.36 -8.39 -0.60
N VAL B 159 11.48 -8.64 0.35
CA VAL B 159 10.81 -7.57 1.07
C VAL B 159 11.77 -7.18 2.16
N SER B 160 12.50 -6.08 1.95
CA SER B 160 13.54 -5.70 2.89
C SER B 160 13.72 -4.19 2.94
N GLN B 161 14.54 -3.75 3.90
CA GLN B 161 14.81 -2.32 4.02
C GLN B 161 15.54 -1.88 2.77
N PRO B 162 15.00 -0.86 2.09
CA PRO B 162 15.59 -0.44 0.84
C PRO B 162 17.03 0.09 0.97
N THR B 163 17.82 -0.17 -0.06
CA THR B 163 19.17 0.27 -0.14
C THR B 163 19.25 1.31 -1.24
N ARG B 164 18.10 1.58 -1.86
CA ARG B 164 17.97 2.55 -2.94
C ARG B 164 16.62 3.25 -2.84
N ALA B 165 16.65 4.56 -2.98
CA ALA B 165 15.45 5.37 -2.88
C ALA B 165 15.60 6.59 -3.78
N LEU B 166 14.46 7.16 -4.16
CA LEU B 166 14.35 8.37 -4.96
C LEU B 166 13.35 9.31 -4.30
N LEU B 167 13.74 10.58 -4.20
CA LEU B 167 12.90 11.62 -3.67
C LEU B 167 12.69 12.61 -4.79
N PHE B 168 11.45 12.83 -5.19
CA PHE B 168 11.16 13.81 -6.21
C PHE B 168 9.98 14.69 -5.83
N VAL B 169 9.88 15.81 -6.52
CA VAL B 169 8.84 16.79 -6.29
C VAL B 169 8.33 17.31 -7.62
N ILE B 170 7.04 17.24 -7.80
CA ILE B 170 6.41 17.80 -8.97
C ILE B 170 5.37 18.82 -8.52
N LEU B 171 5.06 19.74 -9.42
CA LEU B 171 4.17 20.88 -9.13
C LEU B 171 3.02 20.93 -10.12
N CYS B 172 1.83 21.22 -9.61
CA CYS B 172 0.62 21.41 -10.44
C CYS B 172 -0.06 22.72 -10.11
N PRO B 173 -0.28 23.57 -11.12
CA PRO B 173 -1.15 24.71 -10.86
C PRO B 173 -2.57 24.20 -10.77
N VAL B 174 -3.31 24.67 -9.78
CA VAL B 174 -4.67 24.21 -9.56
C VAL B 174 -5.60 25.38 -9.24
N GLY B 175 -6.89 25.15 -9.45
CA GLY B 175 -7.96 26.08 -9.02
C GLY B 175 -8.63 25.40 -7.85
N ALA B 176 -9.96 25.20 -7.93
CA ALA B 176 -10.68 24.52 -6.86
C ALA B 176 -10.63 22.98 -7.02
N TYR B 177 -11.36 22.27 -6.16
CA TYR B 177 -11.47 20.81 -6.20
C TYR B 177 -12.94 20.40 -6.11
N SER B 182 -16.14 23.55 -4.80
CA SER B 182 -15.44 24.74 -4.36
C SER B 182 -15.87 25.08 -2.92
N VAL B 183 -17.12 25.56 -2.78
CA VAL B 183 -17.77 25.72 -1.46
C VAL B 183 -19.21 25.17 -1.59
N THR B 184 -19.36 24.18 -2.46
CA THR B 184 -20.62 23.48 -2.61
C THR B 184 -20.58 22.31 -1.63
N PRO B 185 -21.69 22.04 -0.94
CA PRO B 185 -21.64 21.00 0.05
C PRO B 185 -21.64 19.60 -0.58
N VAL B 186 -21.19 18.60 0.17
CA VAL B 186 -21.12 17.23 -0.34
C VAL B 186 -21.98 16.29 0.46
N SER B 187 -22.37 15.21 -0.18
CA SER B 187 -23.11 14.12 0.45
C SER B 187 -22.11 13.00 0.66
N LEU B 188 -22.31 12.23 1.71
CA LEU B 188 -21.37 11.19 2.08
C LEU B 188 -22.08 9.86 2.22
N LEU B 189 -21.42 8.81 1.76
CA LEU B 189 -21.86 7.45 2.01
C LEU B 189 -21.17 6.95 3.29
N ALA B 190 -21.98 6.53 4.26
CA ALA B 190 -21.49 6.01 5.54
C ALA B 190 -21.86 4.54 5.66
N ASP B 191 -20.91 3.67 5.38
CA ASP B 191 -21.14 2.23 5.40
C ASP B 191 -20.00 1.57 6.16
N PRO B 192 -20.29 1.00 7.34
CA PRO B 192 -19.21 0.44 8.17
C PRO B 192 -18.43 -0.74 7.58
N ALA B 193 -18.89 -1.31 6.47
CA ALA B 193 -18.18 -2.42 5.81
C ALA B 193 -16.78 -2.04 5.31
N PHE B 194 -16.62 -0.74 5.06
N PHE B 194 -16.57 -0.79 4.91
CA PHE B 194 -15.41 -0.17 4.52
CA PHE B 194 -15.25 -0.43 4.42
C PHE B 194 -14.54 0.36 5.67
C PHE B 194 -14.49 0.38 5.47
N ILE B 195 -13.31 -0.13 5.79
CA ILE B 195 -12.46 0.34 6.86
C ILE B 195 -11.14 0.88 6.31
N ARG B 196 -10.96 2.18 6.46
CA ARG B 196 -9.82 2.89 5.89
C ARG B 196 -8.48 2.55 6.58
N ALA B 197 -8.56 2.29 7.88
CA ALA B 197 -7.41 2.21 8.76
C ALA B 197 -7.81 1.57 10.08
N TRP B 198 -6.81 1.02 10.78
CA TRP B 198 -7.00 0.26 11.99
C TRP B 198 -5.97 0.72 13.03
N VAL B 199 -6.32 0.67 14.32
CA VAL B 199 -5.34 0.98 15.36
C VAL B 199 -4.20 -0.04 15.22
N GLY B 200 -2.97 0.45 15.21
CA GLY B 200 -1.82 -0.40 14.97
C GLY B 200 -1.48 -0.45 13.49
N GLY B 201 -2.27 0.21 12.65
CA GLY B 201 -2.02 0.21 11.22
C GLY B 201 -1.17 1.41 10.89
N VAL B 202 -1.30 1.92 9.65
CA VAL B 202 -0.53 3.06 9.13
C VAL B 202 -1.41 4.17 8.55
N GLY B 203 -2.66 4.20 8.98
CA GLY B 203 -3.61 5.21 8.54
C GLY B 203 -3.21 6.62 8.89
N ASN B 204 -2.35 6.75 9.92
CA ASN B 204 -1.83 8.04 10.36
C ASN B 204 -0.57 8.51 9.63
N TYR B 205 -0.20 7.83 8.56
CA TYR B 205 0.93 8.24 7.71
C TYR B 205 0.42 8.39 6.28
N LYS B 206 1.04 9.29 5.52
CA LYS B 206 0.59 9.57 4.19
C LYS B 206 1.28 8.65 3.19
N LEU B 207 0.89 7.38 3.30
CA LEU B 207 1.47 6.29 2.53
C LEU B 207 0.52 5.93 1.43
N GLY B 208 1.07 5.77 0.23
CA GLY B 208 0.31 5.43 -0.97
C GLY B 208 -0.62 4.25 -0.78
N GLY B 209 -0.18 3.25 -0.02
CA GLY B 209 -0.98 2.05 0.29
C GLY B 209 -2.31 2.28 1.00
N ASN B 210 -2.48 3.46 1.61
CA ASN B 210 -3.74 3.79 2.27
C ASN B 210 -4.80 4.30 1.29
N TYR B 211 -4.37 4.65 0.06
CA TYR B 211 -5.25 5.30 -0.92
C TYR B 211 -5.77 4.38 -2.03
N GLY B 212 -4.91 3.49 -2.55
CA GLY B 212 -5.33 2.53 -3.57
C GLY B 212 -6.65 1.82 -3.29
N PRO B 213 -6.82 1.32 -2.05
CA PRO B 213 -8.01 0.55 -1.67
C PRO B 213 -9.28 1.34 -1.54
N THR B 214 -9.16 2.66 -1.45
CA THR B 214 -10.32 3.53 -1.39
C THR B 214 -10.98 3.79 -2.76
N VAL B 215 -10.28 3.48 -3.86
CA VAL B 215 -10.82 3.77 -5.20
C VAL B 215 -12.14 3.06 -5.42
N LEU B 216 -12.17 1.77 -5.10
CA LEU B 216 -13.37 0.99 -5.26
C LEU B 216 -14.48 1.53 -4.37
N VAL B 217 -14.12 1.93 -3.15
CA VAL B 217 -15.12 2.40 -2.21
C VAL B 217 -15.68 3.74 -2.67
N GLN B 218 -14.82 4.61 -3.21
CA GLN B 218 -15.33 5.87 -3.74
C GLN B 218 -16.31 5.58 -4.91
N GLN B 219 -16.04 4.55 -5.71
CA GLN B 219 -16.97 4.19 -6.77
C GLN B 219 -18.33 3.75 -6.24
N GLU B 220 -18.33 2.95 -5.18
CA GLU B 220 -19.58 2.56 -4.56
C GLU B 220 -20.34 3.80 -4.09
N ALA B 221 -19.60 4.79 -3.57
CA ALA B 221 -20.25 6.01 -3.12
C ALA B 221 -20.99 6.69 -4.29
N LEU B 222 -20.30 6.86 -5.41
CA LEU B 222 -20.91 7.44 -6.61
C LEU B 222 -22.13 6.66 -7.11
N LYS B 223 -22.08 5.33 -7.08
CA LYS B 223 -23.23 4.53 -7.53
C LYS B 223 -24.39 4.74 -6.59
N ARG B 224 -24.11 4.93 -5.31
CA ARG B 224 -25.17 5.18 -4.33
C ARG B 224 -25.52 6.67 -4.22
N GLY B 225 -25.15 7.44 -5.24
CA GLY B 225 -25.52 8.85 -5.33
C GLY B 225 -24.88 9.78 -4.33
N CYS B 226 -23.70 9.41 -3.85
CA CYS B 226 -22.98 10.22 -2.89
C CYS B 226 -21.70 10.69 -3.54
N GLU B 227 -21.12 11.75 -2.99
CA GLU B 227 -19.91 12.32 -3.55
C GLU B 227 -18.62 11.92 -2.86
N GLN B 228 -18.66 11.60 -1.58
CA GLN B 228 -17.45 11.23 -0.81
C GLN B 228 -17.77 10.08 0.13
N VAL B 229 -16.71 9.46 0.66
CA VAL B 229 -16.88 8.42 1.65
C VAL B 229 -16.67 9.02 3.04
N LEU B 230 -17.56 8.68 3.96
CA LEU B 230 -17.38 8.96 5.39
C LEU B 230 -16.86 7.66 5.98
N TRP B 231 -15.61 7.67 6.43
CA TRP B 231 -14.96 6.46 6.91
C TRP B 231 -15.33 6.20 8.35
N LEU B 232 -16.06 5.14 8.62
CA LEU B 232 -16.45 4.84 10.00
C LEU B 232 -15.50 3.83 10.60
N TYR B 233 -15.29 3.90 11.91
CA TYR B 233 -14.40 2.97 12.60
C TYR B 233 -15.03 2.45 13.89
N GLY B 234 -14.81 1.17 14.16
CA GLY B 234 -15.17 0.54 15.41
C GLY B 234 -16.63 0.16 15.53
N PRO B 235 -16.96 -0.62 16.58
CA PRO B 235 -18.33 -1.09 16.79
C PRO B 235 -19.30 0.06 17.04
N ASP B 236 -18.79 1.16 17.58
CA ASP B 236 -19.58 2.36 17.87
C ASP B 236 -19.58 3.35 16.69
N HIS B 237 -19.13 2.89 15.53
CA HIS B 237 -19.22 3.66 14.30
C HIS B 237 -18.72 5.07 14.43
N GLN B 238 -17.46 5.20 14.75
CA GLN B 238 -16.85 6.51 14.93
C GLN B 238 -16.63 7.13 13.58
N LEU B 239 -16.87 8.43 13.49
CA LEU B 239 -16.63 9.18 12.28
C LEU B 239 -15.16 9.58 12.32
N THR B 240 -14.37 9.08 11.35
CA THR B 240 -12.94 9.33 11.40
C THR B 240 -12.49 10.40 10.42
N GLU B 241 -12.85 10.19 9.15
CA GLU B 241 -12.43 11.03 8.04
C GLU B 241 -13.48 11.05 6.92
N VAL B 242 -13.40 12.08 6.09
CA VAL B 242 -14.23 12.24 4.89
C VAL B 242 -13.33 12.20 3.65
N GLY B 243 -13.41 11.14 2.86
CA GLY B 243 -12.56 11.02 1.68
C GLY B 243 -11.12 11.08 2.16
N THR B 244 -10.40 12.11 1.74
CA THR B 244 -9.03 12.35 2.16
C THR B 244 -8.97 13.60 3.07
N MET B 245 -10.05 13.86 3.80
CA MET B 245 -10.13 15.04 4.65
C MET B 245 -10.45 14.63 6.06
N ASN B 246 -9.96 15.45 6.99
CA ASN B 246 -10.29 15.28 8.39
C ASN B 246 -11.72 15.81 8.56
N ILE B 247 -12.41 15.34 9.58
CA ILE B 247 -13.81 15.72 9.76
C ILE B 247 -13.95 16.53 11.04
N PHE B 248 -14.77 17.60 10.95
CA PHE B 248 -15.06 18.51 12.04
C PHE B 248 -16.59 18.62 12.21
N VAL B 249 -17.02 18.70 13.45
CA VAL B 249 -18.43 18.92 13.78
C VAL B 249 -18.51 20.13 14.70
N TYR B 250 -19.33 21.10 14.30
CA TYR B 250 -19.57 22.31 15.09
C TYR B 250 -20.98 22.14 15.63
N TRP B 251 -21.10 22.01 16.94
CA TRP B 251 -22.38 21.74 17.56
C TRP B 251 -22.46 22.18 19.02
N THR B 252 -23.67 22.19 19.56
CA THR B 252 -23.86 22.32 21.01
C THR B 252 -23.78 20.89 21.54
N HIS B 253 -22.77 20.60 22.36
CA HIS B 253 -22.55 19.24 22.86
C HIS B 253 -23.61 18.84 23.88
N GLU B 254 -23.68 17.54 24.17
CA GLU B 254 -24.63 16.98 25.15
C GLU B 254 -24.71 17.74 26.48
N ASP B 255 -23.58 18.30 26.93
CA ASP B 255 -23.54 19.08 28.17
C ASP B 255 -23.96 20.55 27.99
N GLY B 256 -24.53 20.89 26.82
CA GLY B 256 -25.04 22.24 26.57
C GLY B 256 -24.01 23.28 26.14
N VAL B 257 -22.74 22.89 26.01
CA VAL B 257 -21.70 23.81 25.58
C VAL B 257 -21.44 23.70 24.07
N LEU B 258 -21.40 24.85 23.41
CA LEU B 258 -21.13 24.95 21.97
C LEU B 258 -19.66 24.63 21.76
N GLU B 259 -19.37 23.76 20.81
CA GLU B 259 -17.98 23.35 20.59
C GLU B 259 -17.65 22.92 19.18
N LEU B 260 -16.36 23.00 18.86
CA LEU B 260 -15.80 22.47 17.63
C LEU B 260 -15.05 21.22 18.01
N VAL B 261 -15.52 20.08 17.53
CA VAL B 261 -14.89 18.81 17.80
C VAL B 261 -14.36 18.16 16.51
N THR B 262 -13.20 17.50 16.63
CA THR B 262 -12.61 16.69 15.58
C THR B 262 -12.02 15.46 16.25
N PRO B 263 -12.01 14.31 15.58
CA PRO B 263 -11.47 13.12 16.23
C PRO B 263 -10.01 13.25 16.63
N PRO B 264 -9.59 12.62 17.74
CA PRO B 264 -8.22 12.72 18.21
C PRO B 264 -7.24 11.91 17.39
N LEU B 265 -5.95 12.21 17.53
CA LEU B 265 -4.92 11.51 16.79
C LEU B 265 -4.55 10.21 17.50
N ASN B 266 -5.42 9.22 17.41
CA ASN B 266 -5.23 7.92 18.06
C ASN B 266 -4.77 6.81 17.11
N GLY B 267 -4.26 7.17 15.93
CA GLY B 267 -3.74 6.16 15.00
C GLY B 267 -4.49 5.94 13.70
N VAL B 268 -5.81 6.16 13.71
CA VAL B 268 -6.61 5.98 12.49
C VAL B 268 -6.90 7.31 11.78
N ILE B 269 -6.36 8.41 12.31
CA ILE B 269 -6.57 9.74 11.75
C ILE B 269 -5.27 10.26 11.18
N LEU B 270 -5.31 10.73 9.92
CA LEU B 270 -4.19 11.39 9.31
C LEU B 270 -4.13 12.80 9.93
N PRO B 271 -3.00 13.19 10.55
CA PRO B 271 -2.91 14.53 11.16
C PRO B 271 -2.75 15.61 10.13
N GLY B 272 -3.86 16.11 9.63
CA GLY B 272 -3.86 17.13 8.60
C GLY B 272 -3.30 18.45 9.07
N VAL B 273 -2.69 19.15 8.12
CA VAL B 273 -2.15 20.47 8.34
C VAL B 273 -3.30 21.47 8.45
N VAL B 274 -4.31 21.33 7.61
CA VAL B 274 -5.44 22.24 7.66
C VAL B 274 -6.17 21.96 8.96
N ARG B 275 -6.37 20.68 9.29
CA ARG B 275 -7.00 20.29 10.58
C ARG B 275 -6.34 21.00 11.78
N GLN B 276 -5.03 20.93 11.87
CA GLN B 276 -4.33 21.54 12.99
C GLN B 276 -4.53 23.05 12.97
N SER B 277 -4.55 23.64 11.77
CA SER B 277 -4.74 25.06 11.62
C SER B 277 -6.11 25.55 12.06
N LEU B 278 -7.14 24.75 11.80
CA LEU B 278 -8.51 25.08 12.21
C LEU B 278 -8.61 24.99 13.74
N LEU B 279 -7.98 23.96 14.32
CA LEU B 279 -7.87 23.86 15.76
C LEU B 279 -7.16 25.09 16.37
N ASP B 280 -6.02 25.48 15.78
CA ASP B 280 -5.24 26.62 16.22
C ASP B 280 -6.05 27.92 16.16
N MET B 281 -6.64 28.20 15.00
CA MET B 281 -7.48 29.38 14.82
C MET B 281 -8.62 29.44 15.84
N ALA B 282 -9.35 28.33 15.98
CA ALA B 282 -10.48 28.25 16.88
C ALA B 282 -10.06 28.44 18.33
N GLN B 283 -8.91 27.87 18.70
CA GLN B 283 -8.38 28.04 20.04
C GLN B 283 -8.04 29.50 20.27
N THR B 284 -7.37 30.11 19.30
CA THR B 284 -6.96 31.50 19.40
C THR B 284 -8.14 32.44 19.63
N TRP B 285 -9.22 32.27 18.88
CA TRP B 285 -10.37 33.16 19.03
C TRP B 285 -10.98 33.12 20.43
N GLY B 286 -10.94 31.94 21.06
CA GLY B 286 -11.43 31.77 22.42
C GLY B 286 -12.90 32.04 22.62
N GLU B 287 -13.72 31.76 21.60
CA GLU B 287 -15.16 32.03 21.66
C GLU B 287 -16.04 30.83 21.92
N PHE B 288 -15.45 29.63 21.86
CA PHE B 288 -16.18 28.39 22.10
C PHE B 288 -15.18 27.26 22.38
N ARG B 289 -15.70 26.14 22.85
CA ARG B 289 -14.85 25.04 23.21
C ARG B 289 -14.25 24.37 21.98
N VAL B 290 -12.95 24.08 22.02
CA VAL B 290 -12.27 23.35 20.97
C VAL B 290 -11.74 22.08 21.60
N VAL B 291 -12.21 20.94 21.11
CA VAL B 291 -11.84 19.67 21.68
C VAL B 291 -11.55 18.61 20.61
N GLU B 292 -10.64 17.71 20.95
CA GLU B 292 -10.37 16.52 20.17
C GLU B 292 -11.01 15.34 20.92
N ARG B 293 -12.08 14.80 20.35
CA ARG B 293 -12.82 13.72 20.96
C ARG B 293 -13.47 12.88 19.89
N THR B 294 -13.51 11.58 20.14
CA THR B 294 -14.20 10.66 19.27
C THR B 294 -15.63 11.15 18.99
N ILE B 295 -16.12 10.91 17.79
CA ILE B 295 -17.50 11.25 17.38
C ILE B 295 -18.17 9.99 16.84
N THR B 296 -19.24 9.55 17.48
CA THR B 296 -19.98 8.39 17.02
C THR B 296 -21.20 8.81 16.23
N MET B 297 -21.70 7.91 15.38
CA MET B 297 -22.92 8.17 14.64
C MET B 297 -24.10 8.33 15.62
N LYS B 298 -24.10 7.55 16.71
CA LYS B 298 -25.10 7.69 17.75
C LYS B 298 -25.18 9.14 18.23
N GLN B 299 -24.04 9.70 18.63
CA GLN B 299 -24.01 11.06 19.10
C GLN B 299 -24.51 12.01 18.05
N LEU B 300 -24.07 11.82 16.79
CA LEU B 300 -24.46 12.70 15.70
C LEU B 300 -25.96 12.66 15.47
N LEU B 301 -26.55 11.47 15.46
CA LEU B 301 -28.00 11.33 15.23
C LEU B 301 -28.80 12.00 16.32
N ARG B 302 -28.45 11.75 17.58
CA ARG B 302 -29.15 12.40 18.69
C ARG B 302 -28.97 13.94 18.63
N ALA B 303 -27.77 14.38 18.27
CA ALA B 303 -27.50 15.82 18.11
C ALA B 303 -28.31 16.41 16.96
N LEU B 304 -28.49 15.65 15.88
CA LEU B 304 -29.26 16.12 14.74
C LEU B 304 -30.74 16.15 15.09
N GLU B 305 -31.22 15.12 15.78
CA GLU B 305 -32.62 15.07 16.20
C GLU B 305 -33.01 16.19 17.17
N GLU B 306 -32.08 16.58 18.04
CA GLU B 306 -32.32 17.64 19.04
C GLU B 306 -31.91 19.02 18.52
N GLY B 307 -31.56 19.09 17.24
CA GLY B 307 -31.20 20.34 16.58
C GLY B 307 -29.92 20.97 17.10
N ARG B 308 -29.02 20.16 17.68
CA ARG B 308 -27.80 20.73 18.26
C ARG B 308 -26.64 20.92 17.27
N VAL B 309 -26.78 20.33 16.08
CA VAL B 309 -25.73 20.39 15.06
C VAL B 309 -25.83 21.65 14.25
N ARG B 310 -24.74 22.42 14.21
CA ARG B 310 -24.68 23.61 13.37
C ARG B 310 -23.97 23.39 12.02
N GLU B 311 -22.74 22.83 12.02
CA GLU B 311 -22.00 22.57 10.77
C GLU B 311 -21.16 21.30 10.81
N VAL B 312 -21.06 20.63 9.67
CA VAL B 312 -20.19 19.47 9.51
C VAL B 312 -19.37 19.67 8.26
N PHE B 313 -18.07 19.41 8.35
CA PHE B 313 -17.22 19.67 7.21
C PHE B 313 -15.90 18.92 7.29
N GLY B 314 -15.27 18.80 6.15
CA GLY B 314 -13.98 18.20 6.05
C GLY B 314 -12.95 19.28 5.88
N SER B 315 -11.70 18.97 6.23
CA SER B 315 -10.57 19.85 6.04
C SER B 315 -9.46 19.09 5.31
N GLY B 316 -8.81 19.73 4.36
CA GLY B 316 -7.65 19.16 3.70
C GLY B 316 -7.05 20.20 2.79
N THR B 317 -5.84 19.96 2.29
CA THR B 317 -5.18 20.93 1.42
C THR B 317 -5.92 21.20 0.12
N ALA B 318 -6.46 20.16 -0.51
CA ALA B 318 -7.16 20.30 -1.78
C ALA B 318 -8.44 21.11 -1.73
N CYS B 319 -9.29 20.84 -0.74
N CYS B 319 -9.30 20.87 -0.75
CA CYS B 319 -10.57 21.55 -0.61
CA CYS B 319 -10.54 21.64 -0.65
C CYS B 319 -10.56 22.67 0.44
C CYS B 319 -10.47 22.77 0.37
N GLN B 320 -9.60 22.59 1.37
CA GLN B 320 -9.44 23.52 2.48
C GLN B 320 -10.54 23.28 3.50
N VAL B 321 -11.77 23.73 3.24
CA VAL B 321 -12.90 23.49 4.14
C VAL B 321 -14.11 23.14 3.27
N CYS B 322 -14.62 21.91 3.44
CA CYS B 322 -15.67 21.35 2.58
C CYS B 322 -16.98 21.07 3.32
N PRO B 323 -18.05 21.86 3.08
CA PRO B 323 -19.28 21.59 3.82
C PRO B 323 -19.91 20.24 3.49
N VAL B 324 -20.57 19.65 4.49
CA VAL B 324 -21.29 18.40 4.33
C VAL B 324 -22.78 18.68 4.57
N HIS B 325 -23.65 18.26 3.66
CA HIS B 325 -25.09 18.49 3.81
C HIS B 325 -25.94 17.23 3.90
N ARG B 326 -25.33 16.07 3.63
CA ARG B 326 -26.08 14.81 3.69
C ARG B 326 -25.17 13.61 3.92
N ILE B 327 -25.62 12.71 4.78
CA ILE B 327 -24.94 11.44 4.98
C ILE B 327 -25.93 10.31 4.73
N LEU B 328 -25.57 9.42 3.81
CA LEU B 328 -26.37 8.24 3.50
C LEU B 328 -25.87 7.12 4.40
N TYR B 329 -26.62 6.88 5.46
CA TYR B 329 -26.28 5.92 6.51
C TYR B 329 -27.39 4.87 6.65
N LYS B 330 -27.02 3.59 6.57
CA LYS B 330 -27.99 2.49 6.58
C LYS B 330 -29.11 2.73 5.56
N ASP B 331 -28.74 2.98 4.31
CA ASP B 331 -29.70 3.26 3.22
C ASP B 331 -30.59 4.48 3.44
N ARG B 332 -30.51 5.11 4.61
CA ARG B 332 -31.37 6.25 4.95
C ARG B 332 -30.57 7.55 4.95
N ASN B 333 -31.06 8.51 4.19
CA ASN B 333 -30.42 9.81 4.13
C ASN B 333 -30.59 10.63 5.41
N LEU B 334 -29.50 11.24 5.87
CA LEU B 334 -29.50 12.09 7.05
C LEU B 334 -29.10 13.46 6.57
N HIS B 335 -29.97 14.44 6.82
CA HIS B 335 -29.70 15.81 6.43
C HIS B 335 -28.78 16.49 7.45
N ILE B 336 -27.76 17.20 6.95
CA ILE B 336 -26.86 17.94 7.80
C ILE B 336 -27.08 19.43 7.50
N PRO B 337 -27.53 20.19 8.50
CA PRO B 337 -27.95 21.59 8.26
C PRO B 337 -26.83 22.62 8.13
N THR B 338 -25.67 22.18 7.65
CA THR B 338 -24.50 23.03 7.52
C THR B 338 -24.76 24.37 6.81
N MET B 339 -25.30 24.31 5.60
CA MET B 339 -25.52 25.51 4.80
C MET B 339 -26.58 26.43 5.40
N GLU B 340 -27.56 25.84 6.09
CA GLU B 340 -28.59 26.60 6.79
C GLU B 340 -28.04 27.36 7.98
N ASN B 341 -26.81 27.06 8.37
CA ASN B 341 -26.20 27.73 9.50
C ASN B 341 -25.13 28.70 9.08
N GLY B 342 -25.18 29.07 7.80
CA GLY B 342 -24.31 30.09 7.22
C GLY B 342 -23.70 29.67 5.90
N PRO B 343 -22.71 28.75 5.93
CA PRO B 343 -22.16 28.12 7.12
C PRO B 343 -21.15 29.07 7.75
N GLU B 344 -21.55 29.66 8.88
CA GLU B 344 -20.78 30.74 9.50
C GLU B 344 -19.34 30.37 9.83
N LEU B 345 -19.15 29.30 10.56
CA LEU B 345 -17.78 28.89 10.96
C LEU B 345 -16.94 28.56 9.73
N ILE B 346 -17.53 27.82 8.80
CA ILE B 346 -16.82 27.46 7.59
C ILE B 346 -16.38 28.71 6.86
N LEU B 347 -17.29 29.66 6.66
CA LEU B 347 -16.94 30.94 5.99
C LEU B 347 -15.91 31.73 6.74
N ARG B 348 -16.03 31.77 8.06
CA ARG B 348 -15.04 32.46 8.89
C ARG B 348 -13.65 31.80 8.72
N PHE B 349 -13.61 30.46 8.79
CA PHE B 349 -12.34 29.75 8.58
C PHE B 349 -11.75 30.07 7.21
N GLN B 350 -12.58 29.99 6.16
CA GLN B 350 -12.07 30.21 4.79
C GLN B 350 -11.53 31.63 4.60
N LYS B 351 -12.18 32.60 5.20
CA LYS B 351 -11.74 33.98 5.08
C LYS B 351 -10.36 34.21 5.69
N GLU B 352 -10.18 33.77 6.93
CA GLU B 352 -8.90 33.96 7.63
C GLU B 352 -7.75 33.21 6.95
N LEU B 353 -8.02 31.96 6.57
CA LEU B 353 -7.06 31.18 5.79
C LEU B 353 -6.71 31.90 4.49
N LYS B 354 -7.72 32.39 3.78
CA LYS B 354 -7.45 33.15 2.55
C LYS B 354 -6.58 34.37 2.85
N GLU B 355 -6.93 35.12 3.90
CA GLU B 355 -6.20 36.36 4.19
C GLU B 355 -4.75 36.05 4.53
N ILE B 356 -4.54 34.95 5.24
CA ILE B 356 -3.22 34.51 5.62
C ILE B 356 -2.47 34.00 4.38
N GLN B 357 -3.07 33.06 3.67
CA GLN B 357 -2.41 32.40 2.52
C GLN B 357 -1.99 33.36 1.42
N TYR B 358 -2.83 34.34 1.11
CA TYR B 358 -2.52 35.35 0.08
C TYR B 358 -1.81 36.61 0.60
N GLY B 359 -1.41 36.60 1.87
CA GLY B 359 -0.57 37.65 2.44
C GLY B 359 -1.26 38.93 2.86
N ILE B 360 -2.58 38.90 2.97
CA ILE B 360 -3.36 40.06 3.35
C ILE B 360 -3.05 40.44 4.81
N ARG B 361 -2.82 39.42 5.64
CA ARG B 361 -2.34 39.57 7.02
C ARG B 361 -1.02 38.85 7.10
N ALA B 362 0.01 39.47 7.65
CA ALA B 362 1.27 38.80 7.81
C ALA B 362 1.04 37.66 8.78
N HIS B 363 1.79 36.58 8.61
CA HIS B 363 1.63 35.47 9.50
C HIS B 363 2.82 34.52 9.42
N GLU B 364 3.27 34.09 10.59
CA GLU B 364 4.37 33.12 10.77
C GLU B 364 4.10 31.77 10.05
N TRP B 365 2.83 31.49 9.76
CA TRP B 365 2.45 30.25 9.09
C TRP B 365 2.92 30.23 7.66
N MET B 366 3.22 31.40 7.09
CA MET B 366 3.57 31.48 5.68
C MET B 366 5.07 31.55 5.48
N PHE B 367 5.54 30.77 4.52
CA PHE B 367 6.94 30.66 4.17
C PHE B 367 7.12 31.31 2.80
N PRO B 368 7.91 32.40 2.71
CA PRO B 368 8.00 33.05 1.41
C PRO B 368 8.93 32.31 0.46
N VAL B 369 8.53 32.19 -0.80
CA VAL B 369 9.38 31.62 -1.83
C VAL B 369 10.26 32.72 -2.40
#